data_8U2R
#
_entry.id   8U2R
#
_cell.length_a   58.926
_cell.length_b   74.154
_cell.length_c   151.056
_cell.angle_alpha   90.00
_cell.angle_beta   90.00
_cell.angle_gamma   90.00
#
_symmetry.space_group_name_H-M   'P 21 21 21'
#
loop_
_entity.id
_entity.type
_entity.pdbx_description
1 polymer 'Acetyl-coenzyme A synthetase'
2 non-polymer DI(HYDROXYETHYL)ETHER
3 non-polymer "5'-O-[(S)-ethoxy(hydroxy)phosphoryl]adenosine"
4 water water
#
_entity_poly.entity_id   1
_entity_poly.type   'polypeptide(L)'
_entity_poly.pdbx_seq_one_letter_code
;MAHHHHHHMSDNPHSLHPLSSDSTSQALHSSTKPPATPHEGEFHSVRDSNVVEPTEANGKKSHVGPHLGSRMRIYEYSIE
HNDAFWAEIARRDFYWKTTWPDDQHVKSYNFDKSKGPIFVKWFEGAVTNVCYNALDRHLPAHKDRVCFYFEGNDPSVTEA
VTYGSMYTRVVELANVLKYQYGIAKGDRVGLYLPMIPFAAVAMLACARIGAVITVIFGGFSAQALSSRLKDAQTKLLITA
DASARGTKPIPLKDVADEALKECEEEGMSIACLVAENMNRQSCKMKEGRDTWYGDALARLTPEQHEECPVEWMDAEDVLF
LLYTSGSTGKPKAIVHTTAGYMVYASTTFMYSFDYHMDDVYFCTADIGWITGHSYVVYGPMIHCATSVLFEGVPNYPDYS
RWWQLVEKYKVSILYTAPTAIRSLMQAGDDYVKVGNRSTLRVLGSVGEPINVEAWKWLRDVGGEGHCDVSDTWWQTETGG
HMITPMPGCTPMKPGSATLPFFGVQPVILDPMKLHEKQGPAEGLLAIRAPWPGMARTIYGDHARFEKTYFGVDGYYMTGD
GARRDSDGYYWITGRVDDVLNVSGHRIGTSEIEDAVNTHPAVVESAVVGFPHNIKGEGIYVFLTFRQGTEVTPELLAAVK
ATVRKVIGPLATPDVMQVARVGLPKTRSGKIVRRILRKVSAGQYTELGDTSTLANPDVVEDLIAEHQRLCSQN
;
_entity_poly.pdbx_strand_id   A
#
loop_
_chem_comp.id
_chem_comp.type
_chem_comp.name
_chem_comp.formula
PEG non-polymer DI(HYDROXYETHYL)ETHER 'C4 H10 O3'
WTA non-polymer 5'-O-[(S)-ethoxy(hydroxy)phosphoryl]adenosine 'C12 H18 N5 O7 P'
#
# COMPACT_ATOMS: atom_id res chain seq x y z
N ASP A 48 -28.65 1.55 16.41
CA ASP A 48 -28.42 0.12 16.58
C ASP A 48 -27.47 -0.18 17.75
N SER A 49 -27.57 -1.39 18.28
CA SER A 49 -26.86 -1.75 19.51
C SER A 49 -25.37 -1.95 19.31
N ASN A 50 -24.91 -2.21 18.10
CA ASN A 50 -23.49 -2.38 17.87
C ASN A 50 -22.79 -1.08 17.60
N VAL A 51 -23.50 0.04 17.69
CA VAL A 51 -22.89 1.34 17.44
C VAL A 51 -22.03 1.73 18.63
N VAL A 52 -20.86 2.31 18.35
CA VAL A 52 -19.95 2.86 19.36
C VAL A 52 -19.86 4.36 19.10
N GLU A 53 -20.27 5.15 20.09
CA GLU A 53 -20.28 6.61 19.93
C GLU A 53 -18.85 7.16 19.94
N PRO A 54 -18.58 8.22 19.18
CA PRO A 54 -17.27 8.86 19.30
C PRO A 54 -17.05 9.43 20.69
N THR A 55 -15.78 9.53 21.09
CA THR A 55 -15.51 10.07 22.42
C THR A 55 -15.83 11.56 22.47
N GLU A 56 -16.27 11.99 23.65
CA GLU A 56 -16.58 13.40 23.88
C GLU A 56 -15.39 14.28 23.54
N ALA A 57 -14.22 13.92 24.06
CA ALA A 57 -13.02 14.73 23.82
C ALA A 57 -12.69 14.85 22.34
N ASN A 58 -12.80 13.75 21.59
CA ASN A 58 -12.52 13.85 20.17
C ASN A 58 -13.55 14.70 19.45
N GLY A 59 -14.80 14.68 19.93
CA GLY A 59 -15.82 15.52 19.33
C GLY A 59 -15.54 16.99 19.48
N LYS A 60 -14.96 17.37 20.61
CA LYS A 60 -14.62 18.78 20.85
C LYS A 60 -13.42 19.19 20.00
N LYS A 61 -12.51 18.26 19.72
CA LYS A 61 -11.29 18.57 18.96
C LYS A 61 -11.52 18.53 17.46
N SER A 62 -12.57 17.84 16.99
CA SER A 62 -12.71 17.51 15.58
C SER A 62 -12.65 18.74 14.68
N HIS A 63 -11.90 18.61 13.58
CA HIS A 63 -11.94 19.59 12.49
C HIS A 63 -13.32 19.69 11.85
N VAL A 64 -14.15 18.66 12.00
CA VAL A 64 -15.45 18.58 11.33
C VAL A 64 -16.53 19.10 12.27
N GLY A 65 -16.63 18.50 13.46
CA GLY A 65 -17.64 18.87 14.44
C GLY A 65 -17.90 17.74 15.42
N PRO A 66 -18.72 18.00 16.44
CA PRO A 66 -18.99 16.99 17.46
C PRO A 66 -20.10 16.00 17.17
N HIS A 67 -20.80 16.12 16.04
CA HIS A 67 -21.97 15.30 15.76
C HIS A 67 -21.92 14.82 14.32
N LEU A 68 -22.62 13.71 14.06
CA LEU A 68 -22.69 13.22 12.68
C LEU A 68 -23.27 14.25 11.73
N GLY A 69 -24.19 15.09 12.20
CA GLY A 69 -24.76 16.11 11.34
C GLY A 69 -23.72 17.04 10.76
N SER A 70 -22.65 17.31 11.50
CA SER A 70 -21.58 18.15 10.99
C SER A 70 -20.92 17.49 9.79
N ARG A 71 -20.61 16.20 9.91
CA ARG A 71 -20.01 15.50 8.79
C ARG A 71 -20.95 15.49 7.59
N MET A 72 -22.24 15.23 7.81
CA MET A 72 -23.16 15.10 6.70
C MET A 72 -23.35 16.43 5.99
N ARG A 73 -23.26 17.54 6.72
CA ARG A 73 -23.37 18.85 6.08
C ARG A 73 -22.20 19.08 5.13
N ILE A 74 -20.99 18.77 5.58
CA ILE A 74 -19.81 18.89 4.73
C ILE A 74 -19.89 17.89 3.58
N TYR A 75 -20.26 16.65 3.86
CA TYR A 75 -20.35 15.67 2.78
C TYR A 75 -21.32 16.14 1.70
N GLU A 76 -22.52 16.58 2.11
CA GLU A 76 -23.50 17.03 1.13
C GLU A 76 -22.92 18.14 0.26
N TYR A 77 -22.22 19.09 0.88
CA TYR A 77 -21.61 20.18 0.13
C TYR A 77 -20.58 19.66 -0.86
N SER A 78 -19.78 18.67 -0.43
CA SER A 78 -18.70 18.15 -1.25
C SER A 78 -19.23 17.41 -2.48
N ILE A 79 -20.49 16.99 -2.47
CA ILE A 79 -21.10 16.36 -3.65
C ILE A 79 -21.87 17.38 -4.48
N GLU A 80 -22.72 18.19 -3.85
CA GLU A 80 -23.54 19.13 -4.61
C GLU A 80 -22.74 20.28 -5.17
N HIS A 81 -21.62 20.64 -4.52
CA HIS A 81 -20.75 21.73 -4.96
C HIS A 81 -19.32 21.22 -5.00
N ASN A 82 -19.12 20.14 -5.77
CA ASN A 82 -17.88 19.37 -5.74
C ASN A 82 -16.68 20.20 -6.17
N ASP A 83 -16.81 20.95 -7.26
CA ASP A 83 -15.67 21.74 -7.72
C ASP A 83 -15.32 22.82 -6.71
N ALA A 84 -16.32 23.53 -6.20
CA ALA A 84 -16.05 24.58 -5.22
C ALA A 84 -15.41 24.00 -3.96
N PHE A 85 -15.87 22.82 -3.54
CA PHE A 85 -15.32 22.17 -2.36
C PHE A 85 -13.83 21.92 -2.53
N TRP A 86 -13.45 21.23 -3.60
CA TRP A 86 -12.03 20.90 -3.78
C TRP A 86 -11.19 22.14 -4.06
N ALA A 87 -11.75 23.13 -4.74
CA ALA A 87 -11.04 24.40 -4.94
C ALA A 87 -10.71 25.05 -3.60
N GLU A 88 -11.68 25.07 -2.69
CA GLU A 88 -11.48 25.71 -1.40
C GLU A 88 -10.44 24.96 -0.59
N ILE A 89 -10.57 23.63 -0.51
CA ILE A 89 -9.60 22.82 0.22
C ILE A 89 -8.22 23.01 -0.38
N ALA A 90 -8.13 22.97 -1.71
CA ALA A 90 -6.82 23.05 -2.36
C ALA A 90 -6.14 24.37 -2.06
N ARG A 91 -6.89 25.48 -2.16
CA ARG A 91 -6.35 26.80 -1.89
C ARG A 91 -5.98 26.95 -0.41
N ARG A 92 -6.79 26.37 0.46
CA ARG A 92 -6.62 26.59 1.89
C ARG A 92 -5.38 25.90 2.41
N ASP A 93 -5.17 24.65 1.99
CA ASP A 93 -4.23 23.77 2.67
C ASP A 93 -2.92 23.50 1.92
N PHE A 94 -2.71 24.06 0.72
CA PHE A 94 -1.53 23.74 -0.09
C PHE A 94 -0.95 25.00 -0.70
N TYR A 95 0.34 24.89 -1.06
CA TYR A 95 1.06 25.92 -1.78
C TYR A 95 1.01 25.66 -3.28
N TRP A 96 0.66 26.69 -4.05
CA TRP A 96 0.59 26.66 -5.49
C TRP A 96 1.46 27.79 -6.03
N LYS A 97 2.41 27.46 -6.89
CA LYS A 97 3.13 28.50 -7.63
C LYS A 97 2.19 29.17 -8.61
N THR A 98 1.29 28.40 -9.22
CA THR A 98 0.25 28.90 -10.09
C THR A 98 -1.01 28.11 -9.80
N THR A 99 -2.14 28.81 -9.73
CA THR A 99 -3.39 28.11 -9.49
C THR A 99 -4.07 27.78 -10.81
N TRP A 100 -5.01 26.84 -10.73
CA TRP A 100 -5.90 26.55 -11.83
C TRP A 100 -6.71 27.80 -12.17
N PRO A 101 -7.27 27.87 -13.38
CA PRO A 101 -7.93 29.09 -13.82
C PRO A 101 -9.37 29.29 -13.37
N ASP A 102 -10.08 28.25 -12.96
CA ASP A 102 -11.52 28.36 -12.76
C ASP A 102 -11.96 27.44 -11.63
N ASP A 103 -12.36 28.04 -10.49
CA ASP A 103 -12.80 27.27 -9.33
C ASP A 103 -14.00 26.39 -9.61
N GLN A 104 -14.80 26.71 -10.62
CA GLN A 104 -15.98 25.90 -10.89
C GLN A 104 -15.69 24.69 -11.77
N HIS A 105 -14.43 24.53 -12.23
CA HIS A 105 -14.06 23.41 -13.10
C HIS A 105 -12.63 22.99 -12.78
N VAL A 106 -12.44 22.47 -11.57
CA VAL A 106 -11.16 21.94 -11.18
C VAL A 106 -10.98 20.48 -11.60
N LYS A 107 -12.02 19.85 -12.14
CA LYS A 107 -11.91 18.50 -12.69
C LYS A 107 -12.53 18.43 -14.07
N SER A 108 -11.98 17.55 -14.90
CA SER A 108 -12.65 17.09 -16.10
C SER A 108 -12.46 15.57 -16.16
N TYR A 109 -13.40 14.87 -16.79
CA TYR A 109 -13.30 13.42 -16.73
C TYR A 109 -14.25 12.76 -17.71
N ASN A 110 -14.01 11.48 -17.94
CA ASN A 110 -14.95 10.61 -18.65
C ASN A 110 -14.82 9.23 -18.05
N PHE A 111 -15.93 8.69 -17.55
CA PHE A 111 -15.98 7.34 -17.01
C PHE A 111 -16.69 6.37 -17.95
N ASP A 112 -17.10 6.82 -19.14
CA ASP A 112 -17.94 6.03 -20.05
C ASP A 112 -17.17 5.75 -21.33
N LYS A 113 -16.74 4.49 -21.51
CA LYS A 113 -15.91 4.15 -22.66
C LYS A 113 -16.59 4.45 -23.99
N SER A 114 -17.93 4.44 -24.02
CA SER A 114 -18.64 4.67 -25.27
C SER A 114 -18.55 6.12 -25.72
N LYS A 115 -18.15 7.02 -24.83
CA LYS A 115 -17.99 8.43 -25.16
C LYS A 115 -16.57 8.80 -25.55
N GLY A 116 -15.63 7.89 -25.39
CA GLY A 116 -14.25 8.16 -25.69
C GLY A 116 -13.34 7.56 -24.65
N PRO A 117 -12.06 7.90 -24.70
CA PRO A 117 -11.12 7.39 -23.70
C PRO A 117 -11.54 7.74 -22.28
N ILE A 118 -11.25 6.82 -21.36
CA ILE A 118 -11.37 7.10 -19.95
C ILE A 118 -10.27 8.08 -19.54
N PHE A 119 -10.64 9.06 -18.73
CA PHE A 119 -9.60 9.91 -18.15
C PHE A 119 -10.18 10.71 -16.99
N VAL A 120 -9.28 11.18 -16.13
N VAL A 120 -9.27 11.20 -16.14
CA VAL A 120 -9.61 12.19 -15.14
CA VAL A 120 -9.57 12.18 -15.12
C VAL A 120 -8.44 13.17 -15.08
C VAL A 120 -8.43 13.18 -15.08
N LYS A 121 -8.76 14.45 -14.89
CA LYS A 121 -7.75 15.48 -14.66
C LYS A 121 -8.23 16.36 -13.52
N TRP A 122 -7.31 16.72 -12.62
CA TRP A 122 -7.60 17.60 -11.49
C TRP A 122 -6.60 18.75 -11.44
N PHE A 123 -7.12 19.97 -11.28
CA PHE A 123 -6.30 21.18 -11.08
C PHE A 123 -5.43 21.48 -12.30
N GLU A 124 -5.90 21.08 -13.49
CA GLU A 124 -5.15 21.37 -14.71
C GLU A 124 -4.88 22.87 -14.81
N GLY A 125 -3.66 23.22 -15.18
CA GLY A 125 -3.22 24.60 -15.20
C GLY A 125 -2.44 25.01 -13.96
N ALA A 126 -2.63 24.31 -12.85
CA ALA A 126 -1.91 24.61 -11.64
C ALA A 126 -0.49 24.06 -11.68
N VAL A 127 0.37 24.72 -10.93
CA VAL A 127 1.79 24.36 -10.82
C VAL A 127 2.17 24.27 -9.34
N THR A 128 2.83 23.19 -8.96
CA THR A 128 3.18 23.00 -7.54
C THR A 128 4.37 22.05 -7.45
N ASN A 129 4.71 21.66 -6.23
CA ASN A 129 5.75 20.65 -6.01
C ASN A 129 5.46 19.97 -4.68
N VAL A 130 5.53 18.65 -4.66
CA VAL A 130 5.19 17.89 -3.47
C VAL A 130 6.24 18.07 -2.39
N CYS A 131 7.52 18.08 -2.77
CA CYS A 131 8.55 18.35 -1.76
C CYS A 131 8.37 19.72 -1.12
N TYR A 132 8.09 20.74 -1.93
CA TYR A 132 7.89 22.06 -1.36
C TYR A 132 6.76 22.06 -0.34
N ASN A 133 5.65 21.37 -0.65
CA ASN A 133 4.53 21.32 0.29
C ASN A 133 4.83 20.46 1.51
N ALA A 134 5.71 19.47 1.38
CA ALA A 134 6.03 18.56 2.47
C ALA A 134 7.09 19.13 3.40
N LEU A 135 7.81 20.15 2.98
CA LEU A 135 9.07 20.50 3.63
C LEU A 135 9.33 22.00 3.61
N ASP A 136 9.74 22.55 2.46
CA ASP A 136 10.17 23.95 2.40
C ASP A 136 9.15 24.91 3.02
N ARG A 137 7.87 24.72 2.71
CA ARG A 137 6.88 25.71 3.14
C ARG A 137 6.73 25.75 4.65
N HIS A 138 7.19 24.72 5.35
CA HIS A 138 7.10 24.68 6.80
C HIS A 138 8.28 25.36 7.47
N LEU A 139 9.21 25.89 6.67
CA LEU A 139 10.46 26.41 7.17
C LEU A 139 10.60 27.89 6.85
N PRO A 140 11.29 28.63 7.71
CA PRO A 140 12.00 28.15 8.90
C PRO A 140 11.14 28.07 10.15
N ALA A 141 9.83 28.38 10.09
CA ALA A 141 9.03 28.46 11.31
C ALA A 141 9.12 27.17 12.12
N HIS A 142 9.10 26.02 11.45
CA HIS A 142 9.04 24.75 12.13
C HIS A 142 10.37 24.00 12.06
N LYS A 143 11.50 24.73 11.98
CA LYS A 143 12.77 24.07 11.74
C LYS A 143 13.15 23.14 12.88
N ASP A 144 12.76 23.46 14.11
CA ASP A 144 13.11 22.63 15.25
C ASP A 144 11.99 21.66 15.65
N ARG A 145 10.87 21.64 14.92
CA ARG A 145 9.81 20.67 15.17
C ARG A 145 10.26 19.31 14.69
N VAL A 146 9.98 18.27 15.48
CA VAL A 146 10.34 16.92 15.05
C VAL A 146 9.45 16.48 13.91
N CYS A 147 10.07 16.01 12.82
CA CYS A 147 9.38 15.36 11.73
C CYS A 147 9.25 13.86 11.98
N PHE A 148 10.38 13.21 12.29
CA PHE A 148 10.38 11.78 12.63
C PHE A 148 11.13 11.53 13.93
N TYR A 149 10.46 10.90 14.87
CA TYR A 149 11.10 10.16 15.96
C TYR A 149 11.47 8.80 15.38
N PHE A 150 12.72 8.66 14.98
CA PHE A 150 13.19 7.44 14.35
C PHE A 150 13.77 6.48 15.38
N GLU A 151 13.38 5.20 15.25
CA GLU A 151 14.03 4.13 16.01
C GLU A 151 14.35 3.00 15.07
N GLY A 152 15.52 2.46 15.23
CA GLY A 152 15.91 1.29 14.48
C GLY A 152 15.31 0.02 15.04
N ASN A 153 15.50 -1.06 14.27
CA ASN A 153 15.23 -2.40 14.79
C ASN A 153 15.93 -2.60 16.12
N ASP A 154 17.19 -2.21 16.19
CA ASP A 154 17.96 -2.21 17.43
C ASP A 154 17.51 -1.04 18.30
N PRO A 155 16.97 -1.27 19.50
CA PRO A 155 16.44 -0.15 20.30
C PRO A 155 17.51 0.82 20.79
N SER A 156 18.78 0.52 20.60
CA SER A 156 19.82 1.50 20.93
C SER A 156 20.02 2.52 19.82
N VAL A 157 19.36 2.37 18.68
CA VAL A 157 19.52 3.24 17.52
C VAL A 157 18.30 4.16 17.48
N THR A 158 18.49 5.45 17.78
CA THR A 158 17.40 6.41 17.78
C THR A 158 17.91 7.75 17.28
N GLU A 159 17.00 8.52 16.68
CA GLU A 159 17.32 9.86 16.23
C GLU A 159 16.03 10.64 16.13
N ALA A 160 16.00 11.86 16.68
CA ALA A 160 14.87 12.76 16.48
C ALA A 160 15.23 13.66 15.30
N VAL A 161 14.54 13.49 14.19
CA VAL A 161 14.86 14.21 12.96
C VAL A 161 13.88 15.36 12.83
N THR A 162 14.37 16.59 12.88
CA THR A 162 13.54 17.78 12.75
C THR A 162 13.19 18.06 11.28
N TYR A 163 12.23 18.97 11.09
CA TYR A 163 11.96 19.46 9.74
C TYR A 163 13.18 20.18 9.14
N GLY A 164 13.90 20.93 9.96
CA GLY A 164 15.10 21.58 9.46
C GLY A 164 16.15 20.58 8.99
N SER A 165 16.32 19.48 9.73
CA SER A 165 17.29 18.48 9.33
C SER A 165 16.84 17.76 8.08
N MET A 166 15.53 17.49 7.96
CA MET A 166 15.00 16.89 6.72
C MET A 166 15.30 17.79 5.53
N TYR A 167 15.16 19.11 5.70
CA TYR A 167 15.47 20.01 4.60
C TYR A 167 16.92 19.85 4.15
N THR A 168 17.87 19.91 5.09
CA THR A 168 19.27 19.72 4.73
C THR A 168 19.49 18.39 4.03
N ARG A 169 18.93 17.31 4.59
CA ARG A 169 19.15 15.99 4.01
C ARG A 169 18.62 15.91 2.59
N VAL A 170 17.46 16.53 2.35
CA VAL A 170 16.82 16.46 1.05
C VAL A 170 17.55 17.30 0.01
N VAL A 171 17.98 18.52 0.35
CA VAL A 171 18.71 19.32 -0.65
C VAL A 171 20.05 18.67 -0.96
N GLU A 172 20.70 18.07 0.04
CA GLU A 172 21.93 17.33 -0.21
C GLU A 172 21.68 16.22 -1.23
N LEU A 173 20.70 15.35 -0.97
CA LEU A 173 20.47 14.22 -1.87
C LEU A 173 19.98 14.69 -3.24
N ALA A 174 19.10 15.70 -3.29
CA ALA A 174 18.63 16.17 -4.58
C ALA A 174 19.79 16.66 -5.44
N ASN A 175 20.76 17.36 -4.83
CA ASN A 175 21.94 17.81 -5.55
C ASN A 175 22.80 16.63 -5.98
N VAL A 176 22.93 15.60 -5.16
CA VAL A 176 23.64 14.40 -5.62
C VAL A 176 22.93 13.84 -6.86
N LEU A 177 21.61 13.73 -6.80
CA LEU A 177 20.86 13.18 -7.93
C LEU A 177 21.04 14.01 -9.18
N LYS A 178 20.88 15.33 -9.05
CA LYS A 178 20.92 16.19 -10.22
C LYS A 178 22.32 16.27 -10.79
N TYR A 179 23.33 16.48 -9.94
CA TYR A 179 24.62 16.93 -10.42
C TYR A 179 25.69 15.85 -10.42
N GLN A 180 25.46 14.72 -9.76
CA GLN A 180 26.35 13.57 -9.86
C GLN A 180 25.76 12.42 -10.66
N TYR A 181 24.42 12.24 -10.67
CA TYR A 181 23.78 11.19 -11.45
C TYR A 181 23.01 11.71 -12.66
N GLY A 182 22.89 13.03 -12.83
CA GLY A 182 22.19 13.57 -13.97
C GLY A 182 20.73 13.16 -14.05
N ILE A 183 20.06 13.06 -12.91
CA ILE A 183 18.65 12.70 -12.89
C ILE A 183 17.84 13.91 -13.30
N ALA A 184 17.01 13.76 -14.32
CA ALA A 184 16.21 14.84 -14.86
C ALA A 184 14.73 14.61 -14.61
N LYS A 185 13.95 15.65 -14.83
CA LYS A 185 12.50 15.55 -14.69
C LYS A 185 12.00 14.40 -15.54
N GLY A 186 11.18 13.53 -14.91
CA GLY A 186 10.59 12.40 -15.58
C GLY A 186 11.41 11.13 -15.55
N ASP A 187 12.70 11.21 -15.24
CA ASP A 187 13.51 10.00 -15.11
C ASP A 187 12.97 9.14 -13.97
N ARG A 188 13.10 7.83 -14.12
CA ARG A 188 12.66 6.94 -13.04
C ARG A 188 13.83 6.54 -12.15
N VAL A 189 13.57 6.56 -10.84
CA VAL A 189 14.52 6.18 -9.80
C VAL A 189 13.88 5.11 -8.95
N GLY A 190 14.53 3.96 -8.84
CA GLY A 190 14.02 2.88 -7.99
C GLY A 190 14.53 3.02 -6.57
N LEU A 191 13.64 2.74 -5.60
CA LEU A 191 14.01 2.73 -4.19
C LEU A 191 13.82 1.33 -3.62
N TYR A 192 14.84 0.83 -2.92
CA TYR A 192 14.86 -0.51 -2.30
C TYR A 192 15.44 -0.28 -0.91
N LEU A 193 14.60 0.15 0.01
CA LEU A 193 15.07 0.73 1.26
C LEU A 193 14.27 0.21 2.46
N PRO A 194 14.88 0.19 3.63
CA PRO A 194 14.15 -0.05 4.87
C PRO A 194 13.53 1.26 5.37
N MET A 195 12.76 1.14 6.45
CA MET A 195 12.04 2.28 6.99
C MET A 195 12.99 3.08 7.90
N ILE A 196 13.79 3.92 7.24
CA ILE A 196 14.78 4.76 7.91
C ILE A 196 14.62 6.18 7.35
N PRO A 197 15.19 7.19 8.00
CA PRO A 197 14.96 8.56 7.51
C PRO A 197 15.34 8.76 6.06
N PHE A 198 16.40 8.08 5.61
CA PHE A 198 16.85 8.22 4.24
C PHE A 198 15.79 7.81 3.23
N ALA A 199 14.87 6.90 3.60
CA ALA A 199 13.78 6.52 2.71
C ALA A 199 12.86 7.71 2.42
N ALA A 200 12.45 8.45 3.46
CA ALA A 200 11.66 9.65 3.24
C ALA A 200 12.46 10.73 2.50
N VAL A 201 13.74 10.87 2.85
CA VAL A 201 14.59 11.83 2.16
C VAL A 201 14.64 11.53 0.66
N ALA A 202 14.82 10.26 0.30
CA ALA A 202 14.90 9.87 -1.10
C ALA A 202 13.60 10.14 -1.85
N MET A 203 12.45 9.84 -1.23
CA MET A 203 11.19 10.13 -1.88
C MET A 203 11.05 11.63 -2.12
N LEU A 204 11.37 12.43 -1.11
CA LEU A 204 11.18 13.87 -1.26
C LEU A 204 12.22 14.50 -2.21
N ALA A 205 13.48 14.03 -2.19
CA ALA A 205 14.46 14.56 -3.12
C ALA A 205 14.05 14.30 -4.57
N CYS A 206 13.51 13.11 -4.86
CA CYS A 206 13.05 12.86 -6.21
C CYS A 206 11.88 13.76 -6.56
N ALA A 207 10.92 13.96 -5.63
CA ALA A 207 9.83 14.88 -5.89
C ALA A 207 10.34 16.28 -6.13
N ARG A 208 11.37 16.68 -5.39
CA ARG A 208 11.86 18.05 -5.52
C ARG A 208 12.32 18.33 -6.95
N ILE A 209 12.94 17.36 -7.61
CA ILE A 209 13.52 17.56 -8.94
C ILE A 209 12.63 17.03 -10.05
N GLY A 210 11.44 16.52 -9.70
CA GLY A 210 10.49 16.01 -10.68
C GLY A 210 10.82 14.64 -11.21
N ALA A 211 11.72 13.92 -10.54
CA ALA A 211 11.93 12.54 -10.92
C ALA A 211 10.74 11.70 -10.49
N VAL A 212 10.63 10.53 -11.08
CA VAL A 212 9.53 9.61 -10.84
C VAL A 212 10.06 8.44 -10.04
N ILE A 213 9.58 8.27 -8.79
CA ILE A 213 10.03 7.12 -8.03
C ILE A 213 9.20 5.89 -8.36
N THR A 214 9.85 4.75 -8.20
CA THR A 214 9.13 3.50 -8.04
C THR A 214 9.75 2.78 -6.86
N VAL A 215 8.94 2.53 -5.85
CA VAL A 215 9.41 1.94 -4.61
C VAL A 215 9.19 0.45 -4.66
N ILE A 216 10.26 -0.30 -4.46
CA ILE A 216 10.19 -1.75 -4.36
C ILE A 216 10.33 -2.14 -2.90
N PHE A 217 9.27 -2.72 -2.35
CA PHE A 217 9.28 -3.23 -0.98
C PHE A 217 10.55 -4.05 -0.73
N GLY A 218 11.20 -3.76 0.40
CA GLY A 218 12.44 -4.45 0.76
C GLY A 218 12.31 -5.93 0.99
N GLY A 219 11.10 -6.46 1.14
CA GLY A 219 10.89 -7.89 1.25
C GLY A 219 10.89 -8.63 -0.07
N PHE A 220 10.82 -7.92 -1.18
CA PHE A 220 10.86 -8.59 -2.47
C PHE A 220 12.23 -9.17 -2.75
N SER A 221 12.26 -10.26 -3.49
CA SER A 221 13.49 -10.92 -3.87
C SER A 221 14.19 -10.18 -5.00
N ALA A 222 15.41 -10.63 -5.32
CA ALA A 222 16.16 -10.03 -6.40
C ALA A 222 15.40 -10.06 -7.72
N GLN A 223 14.78 -11.20 -8.04
CA GLN A 223 14.05 -11.31 -9.31
C GLN A 223 12.86 -10.37 -9.35
N ALA A 224 12.14 -10.20 -8.23
CA ALA A 224 11.01 -9.28 -8.20
C ALA A 224 11.48 -7.83 -8.31
N LEU A 225 12.61 -7.53 -7.68
CA LEU A 225 13.19 -6.20 -7.81
C LEU A 225 13.61 -5.93 -9.26
N SER A 226 14.36 -6.87 -9.85
N SER A 226 14.35 -6.88 -9.86
CA SER A 226 14.81 -6.70 -11.23
CA SER A 226 14.81 -6.67 -11.24
C SER A 226 13.64 -6.49 -12.18
C SER A 226 13.64 -6.50 -12.19
N SER A 227 12.56 -7.26 -11.99
CA SER A 227 11.42 -7.16 -12.90
C SER A 227 10.85 -5.76 -12.87
N ARG A 228 10.74 -5.17 -11.68
CA ARG A 228 10.20 -3.81 -11.57
C ARG A 228 11.17 -2.77 -12.12
N LEU A 229 12.47 -2.94 -11.88
CA LEU A 229 13.42 -1.98 -12.48
C LEU A 229 13.38 -2.05 -14.00
N LYS A 230 13.27 -3.26 -14.55
CA LYS A 230 13.18 -3.43 -16.01
C LYS A 230 11.93 -2.77 -16.57
N ASP A 231 10.77 -2.99 -15.95
CA ASP A 231 9.54 -2.44 -16.53
CA ASP A 231 9.52 -2.44 -16.51
C ASP A 231 9.51 -0.93 -16.41
N ALA A 232 10.04 -0.39 -15.31
CA ALA A 232 10.02 1.05 -15.11
C ALA A 232 11.14 1.75 -15.86
N GLN A 233 12.14 1.01 -16.29
CA GLN A 233 13.33 1.54 -16.94
C GLN A 233 13.99 2.61 -16.07
N THR A 234 14.32 2.19 -14.84
CA THR A 234 14.99 3.07 -13.91
C THR A 234 16.43 3.33 -14.33
N LYS A 235 16.84 4.60 -14.22
CA LYS A 235 18.23 4.99 -14.46
C LYS A 235 19.12 4.72 -13.24
N LEU A 236 18.52 4.69 -12.05
CA LEU A 236 19.27 4.69 -10.80
C LEU A 236 18.48 3.86 -9.81
N LEU A 237 19.18 3.05 -9.02
CA LEU A 237 18.63 2.36 -7.87
C LEU A 237 19.22 2.98 -6.61
N ILE A 238 18.38 3.38 -5.67
CA ILE A 238 18.83 3.86 -4.36
C ILE A 238 18.51 2.76 -3.37
N THR A 239 19.53 2.29 -2.64
CA THR A 239 19.31 1.22 -1.67
C THR A 239 20.16 1.52 -0.44
N ALA A 240 20.28 0.55 0.44
CA ALA A 240 21.11 0.67 1.64
C ALA A 240 21.92 -0.59 1.81
N ASP A 241 22.97 -0.52 2.65
CA ASP A 241 23.82 -1.68 2.80
C ASP A 241 23.04 -2.87 3.35
N ALA A 242 22.27 -2.64 4.41
CA ALA A 242 21.54 -3.72 5.07
C ALA A 242 20.57 -3.13 6.10
N SER A 243 19.64 -3.98 6.52
CA SER A 243 18.77 -3.70 7.64
C SER A 243 18.66 -5.00 8.45
N ALA A 244 17.67 -5.06 9.34
CA ALA A 244 17.49 -6.25 10.16
C ALA A 244 16.04 -6.30 10.56
N ARG A 245 15.49 -7.51 10.62
CA ARG A 245 14.10 -7.74 11.03
C ARG A 245 14.21 -8.63 12.25
N GLY A 246 14.08 -8.02 13.43
CA GLY A 246 14.33 -8.77 14.64
C GLY A 246 15.74 -9.30 14.65
N THR A 247 15.86 -10.63 14.67
CA THR A 247 17.17 -11.25 14.68
CA THR A 247 17.16 -11.27 14.67
C THR A 247 17.73 -11.50 13.27
N LYS A 248 16.88 -11.46 12.25
CA LYS A 248 17.28 -11.83 10.90
C LYS A 248 17.92 -10.65 10.16
N PRO A 249 19.15 -10.77 9.67
CA PRO A 249 19.70 -9.70 8.80
C PRO A 249 18.90 -9.61 7.51
N ILE A 250 18.81 -8.40 7.00
CA ILE A 250 18.17 -8.13 5.72
C ILE A 250 19.22 -7.52 4.80
N PRO A 251 19.87 -8.33 3.95
CA PRO A 251 21.03 -7.83 3.13
C PRO A 251 20.66 -7.14 1.83
N LEU A 252 20.20 -5.90 1.96
CA LEU A 252 19.55 -5.20 0.86
C LEU A 252 20.48 -5.03 -0.34
N LYS A 253 21.69 -4.51 -0.14
CA LYS A 253 22.60 -4.32 -1.28
C LYS A 253 23.02 -5.66 -1.90
N ASP A 254 23.22 -6.70 -1.10
CA ASP A 254 23.55 -8.01 -1.66
C ASP A 254 22.43 -8.51 -2.57
N VAL A 255 21.17 -8.33 -2.17
CA VAL A 255 20.05 -8.68 -3.03
C VAL A 255 20.05 -7.80 -4.26
N ALA A 256 20.26 -6.50 -4.07
CA ALA A 256 20.32 -5.57 -5.20
C ALA A 256 21.38 -6.01 -6.21
N ASP A 257 22.52 -6.55 -5.73
CA ASP A 257 23.57 -7.00 -6.64
C ASP A 257 23.05 -8.04 -7.61
N GLU A 258 22.26 -9.00 -7.12
CA GLU A 258 21.69 -10.02 -7.98
C GLU A 258 20.67 -9.43 -8.96
N ALA A 259 19.85 -8.49 -8.49
CA ALA A 259 18.89 -7.81 -9.37
C ALA A 259 19.61 -7.00 -10.44
N LEU A 260 20.67 -6.31 -10.06
CA LEU A 260 21.39 -5.49 -11.03
C LEU A 260 22.11 -6.36 -12.04
N LYS A 261 22.71 -7.47 -11.61
CA LYS A 261 23.30 -8.42 -12.56
C LYS A 261 22.25 -8.89 -13.56
N GLU A 262 21.01 -9.14 -13.12
CA GLU A 262 19.99 -9.63 -14.04
CA GLU A 262 19.99 -9.63 -14.04
C GLU A 262 19.59 -8.54 -15.03
N CYS A 263 19.51 -7.30 -14.57
CA CYS A 263 19.16 -6.20 -15.46
C CYS A 263 20.25 -5.95 -16.48
N GLU A 264 21.52 -6.06 -16.06
CA GLU A 264 22.63 -5.87 -16.98
C GLU A 264 22.68 -6.97 -18.03
N GLU A 265 22.35 -8.21 -17.65
CA GLU A 265 22.37 -9.29 -18.61
C GLU A 265 21.35 -9.04 -19.72
N GLU A 266 20.32 -8.26 -19.44
CA GLU A 266 19.32 -7.86 -20.42
C GLU A 266 19.64 -6.53 -21.08
N GLY A 267 20.83 -5.99 -20.84
CA GLY A 267 21.28 -4.81 -21.55
C GLY A 267 21.05 -3.49 -20.87
N MET A 268 20.49 -3.47 -19.67
CA MET A 268 20.30 -2.24 -18.92
C MET A 268 21.60 -1.79 -18.27
N SER A 269 21.71 -0.49 -18.09
CA SER A 269 22.77 0.12 -17.27
C SER A 269 22.09 0.90 -16.15
N ILE A 270 22.19 0.41 -14.92
CA ILE A 270 21.58 1.05 -13.76
C ILE A 270 22.67 1.34 -12.75
N ALA A 271 22.85 2.62 -12.41
CA ALA A 271 23.75 3.02 -11.34
C ALA A 271 23.10 2.71 -10.00
N CYS A 272 23.92 2.61 -8.96
CA CYS A 272 23.42 2.30 -7.63
C CYS A 272 24.07 3.19 -6.58
N LEU A 273 23.23 3.84 -5.79
CA LEU A 273 23.63 4.69 -4.67
C LEU A 273 23.21 4.01 -3.38
N VAL A 274 24.14 3.87 -2.43
CA VAL A 274 23.95 3.02 -1.27
C VAL A 274 24.07 3.85 0.01
N ALA A 275 22.98 3.94 0.76
CA ALA A 275 22.99 4.57 2.07
C ALA A 275 23.67 3.67 3.11
N GLU A 276 24.40 4.29 4.03
CA GLU A 276 25.08 3.58 5.11
C GLU A 276 24.14 3.45 6.30
N ASN A 277 23.40 2.36 6.37
CA ASN A 277 22.49 2.14 7.48
C ASN A 277 23.15 1.35 8.60
N MET A 278 24.00 0.41 8.25
CA MET A 278 24.71 -0.42 9.23
C MET A 278 26.20 -0.03 9.21
N ASN A 279 27.12 -0.96 8.98
CA ASN A 279 28.55 -0.74 9.12
C ASN A 279 29.31 -0.99 7.82
N ARG A 280 28.63 -0.95 6.67
CA ARG A 280 29.33 -1.02 5.40
C ARG A 280 29.81 -2.44 5.08
N GLN A 281 29.93 -3.30 6.09
CA GLN A 281 30.65 -4.56 5.95
C GLN A 281 29.73 -5.74 5.62
N SER A 282 28.46 -5.48 5.29
CA SER A 282 27.55 -6.55 4.88
C SER A 282 27.45 -6.71 3.38
N CYS A 283 28.09 -5.86 2.59
CA CYS A 283 27.84 -5.87 1.16
C CYS A 283 29.13 -5.59 0.41
N LYS A 284 29.12 -6.00 -0.83
CA LYS A 284 30.18 -5.70 -1.77
C LYS A 284 29.80 -4.43 -2.53
N MET A 285 30.76 -3.87 -3.24
CA MET A 285 30.50 -2.68 -4.05
C MET A 285 31.26 -2.83 -5.36
N LYS A 286 30.56 -2.57 -6.48
CA LYS A 286 31.14 -2.70 -7.80
C LYS A 286 31.71 -1.35 -8.24
N GLU A 287 33.02 -1.33 -8.49
CA GLU A 287 33.71 -0.13 -8.95
C GLU A 287 33.02 0.45 -10.17
N GLY A 288 32.69 1.74 -10.11
CA GLY A 288 32.11 2.43 -11.25
C GLY A 288 30.59 2.44 -11.27
N ARG A 289 29.93 1.42 -10.73
CA ARG A 289 28.48 1.36 -10.69
C ARG A 289 27.91 1.78 -9.35
N ASP A 290 28.58 1.41 -8.26
CA ASP A 290 28.07 1.52 -6.89
C ASP A 290 28.82 2.58 -6.11
N THR A 291 28.09 3.50 -5.48
CA THR A 291 28.68 4.60 -4.71
C THR A 291 28.06 4.65 -3.32
N TRP A 292 28.93 4.74 -2.31
CA TRP A 292 28.44 5.01 -0.96
C TRP A 292 27.93 6.43 -0.86
N TYR A 293 26.80 6.60 -0.17
CA TYR A 293 26.21 7.94 -0.09
C TYR A 293 27.16 8.92 0.59
N GLY A 294 27.92 8.47 1.58
CA GLY A 294 28.87 9.38 2.21
C GLY A 294 29.91 9.90 1.25
N ASP A 295 30.32 9.06 0.29
CA ASP A 295 31.26 9.51 -0.72
C ASP A 295 30.64 10.53 -1.67
N ALA A 296 29.35 10.35 -2.00
CA ALA A 296 28.67 11.32 -2.84
C ALA A 296 28.47 12.64 -2.10
N LEU A 297 28.12 12.58 -0.81
CA LEU A 297 28.00 13.77 0.01
C LEU A 297 29.28 14.59 0.01
N ALA A 298 30.44 13.92 0.14
CA ALA A 298 31.70 14.63 0.24
C ALA A 298 32.00 15.42 -1.03
N ARG A 299 31.51 14.98 -2.18
CA ARG A 299 31.72 15.70 -3.44
C ARG A 299 30.88 16.96 -3.55
N LEU A 300 29.88 17.15 -2.69
CA LEU A 300 29.03 18.34 -2.77
C LEU A 300 29.83 19.60 -2.43
N THR A 301 29.55 20.68 -3.15
CA THR A 301 30.07 21.98 -2.77
C THR A 301 29.37 22.46 -1.50
N PRO A 302 29.94 23.43 -0.82
CA PRO A 302 29.29 23.94 0.41
C PRO A 302 27.86 24.41 0.15
N GLU A 303 27.63 25.08 -0.98
CA GLU A 303 26.32 25.62 -1.29
C GLU A 303 25.29 24.51 -1.50
N GLN A 304 25.73 23.35 -1.98
CA GLN A 304 24.83 22.25 -2.26
C GLN A 304 24.37 21.52 -1.00
N HIS A 305 24.84 21.93 0.18
CA HIS A 305 24.26 21.49 1.44
C HIS A 305 23.14 22.41 1.92
N GLU A 306 22.97 23.56 1.26
CA GLU A 306 22.05 24.59 1.73
C GLU A 306 20.89 24.86 0.80
N GLU A 307 21.02 24.61 -0.50
CA GLU A 307 20.00 24.96 -1.47
C GLU A 307 20.01 23.99 -2.65
N CYS A 308 18.82 23.67 -3.16
CA CYS A 308 18.69 22.95 -4.41
C CYS A 308 17.41 23.45 -5.08
N PRO A 309 17.48 23.89 -6.33
CA PRO A 309 16.26 24.40 -6.99
C PRO A 309 15.13 23.38 -6.99
N VAL A 310 13.92 23.91 -6.94
CA VAL A 310 12.69 23.13 -6.99
C VAL A 310 12.22 23.08 -8.43
N GLU A 311 11.88 21.88 -8.90
CA GLU A 311 11.27 21.73 -10.22
C GLU A 311 9.77 21.94 -10.07
N TRP A 312 9.25 22.99 -10.70
CA TRP A 312 7.84 23.30 -10.53
C TRP A 312 7.02 22.50 -11.53
N MET A 313 6.16 21.64 -11.00
CA MET A 313 5.47 20.60 -11.74
C MET A 313 4.07 21.03 -12.16
N ASP A 314 3.69 20.58 -13.34
CA ASP A 314 2.30 20.70 -13.76
C ASP A 314 1.45 19.66 -13.05
N ALA A 315 0.16 19.95 -12.97
CA ALA A 315 -0.76 19.16 -12.16
C ALA A 315 -0.73 17.68 -12.51
N GLU A 316 -0.63 17.34 -13.80
CA GLU A 316 -0.71 15.96 -14.23
C GLU A 316 0.65 15.34 -14.54
N ASP A 317 1.73 15.98 -14.10
CA ASP A 317 3.03 15.33 -14.18
C ASP A 317 3.06 14.11 -13.25
N VAL A 318 3.74 13.05 -13.69
CA VAL A 318 3.77 11.83 -12.90
C VAL A 318 4.63 12.04 -11.64
N LEU A 319 4.11 11.60 -10.51
CA LEU A 319 4.81 11.57 -9.23
C LEU A 319 5.44 10.22 -8.94
N PHE A 320 4.69 9.12 -9.08
CA PHE A 320 5.26 7.80 -8.80
C PHE A 320 4.53 6.72 -9.56
N LEU A 321 5.24 5.60 -9.72
CA LEU A 321 4.75 4.35 -10.28
C LEU A 321 4.79 3.32 -9.17
N LEU A 322 3.69 2.61 -8.93
CA LEU A 322 3.69 1.59 -7.88
C LEU A 322 3.18 0.28 -8.45
N TYR A 323 4.06 -0.71 -8.56
CA TYR A 323 3.66 -2.02 -9.08
C TYR A 323 2.73 -2.72 -8.09
N THR A 324 1.60 -3.16 -8.62
CA THR A 324 0.45 -3.59 -7.83
C THR A 324 -0.13 -4.85 -8.46
N SER A 325 -0.37 -5.86 -7.63
CA SER A 325 -0.93 -7.12 -8.08
C SER A 325 -2.38 -6.97 -8.54
N GLY A 326 -2.73 -7.73 -9.55
CA GLY A 326 -4.05 -7.70 -10.12
C GLY A 326 -4.62 -9.09 -10.32
N SER A 327 -5.87 -9.09 -10.74
CA SER A 327 -6.57 -10.33 -11.03
C SER A 327 -5.94 -11.07 -12.18
N THR A 328 -5.44 -10.36 -13.18
CA THR A 328 -4.87 -10.95 -14.37
C THR A 328 -3.43 -10.49 -14.57
N GLY A 329 -2.55 -11.46 -14.84
CA GLY A 329 -1.20 -11.15 -15.21
C GLY A 329 -0.36 -10.70 -14.04
N LYS A 330 0.86 -10.30 -14.38
CA LYS A 330 1.84 -9.89 -13.38
C LYS A 330 1.51 -8.51 -12.86
N PRO A 331 2.16 -8.09 -11.77
CA PRO A 331 1.92 -6.75 -11.23
C PRO A 331 2.19 -5.66 -12.25
N LYS A 332 1.34 -4.64 -12.23
CA LYS A 332 1.35 -3.56 -13.18
C LYS A 332 1.58 -2.25 -12.45
N ALA A 333 2.22 -1.30 -13.16
CA ALA A 333 2.55 -0.02 -12.55
C ALA A 333 1.35 0.91 -12.54
N ILE A 334 0.79 1.13 -11.36
CA ILE A 334 -0.25 2.14 -11.18
C ILE A 334 0.40 3.52 -11.14
N VAL A 335 -0.15 4.45 -11.93
CA VAL A 335 0.44 5.77 -12.14
C VAL A 335 -0.33 6.80 -11.31
N HIS A 336 0.36 7.49 -10.43
CA HIS A 336 -0.19 8.65 -9.75
C HIS A 336 0.51 9.94 -10.17
N THR A 337 -0.30 10.98 -10.44
CA THR A 337 0.25 12.26 -10.85
C THR A 337 0.33 13.17 -9.62
N THR A 338 0.47 14.49 -9.83
CA THR A 338 1.01 15.34 -8.79
C THR A 338 -0.06 16.06 -7.97
N ALA A 339 -0.87 16.93 -8.59
CA ALA A 339 -1.71 17.85 -7.81
C ALA A 339 -2.86 17.13 -7.11
N GLY A 340 -3.61 16.32 -7.86
CA GLY A 340 -4.73 15.62 -7.24
C GLY A 340 -4.32 14.65 -6.15
N TYR A 341 -3.27 13.85 -6.40
CA TYR A 341 -2.79 12.92 -5.39
C TYR A 341 -2.33 13.67 -4.15
N MET A 342 -1.58 14.74 -4.35
CA MET A 342 -1.08 15.52 -3.22
C MET A 342 -2.25 16.02 -2.37
N VAL A 343 -3.25 16.61 -3.02
CA VAL A 343 -4.39 17.13 -2.28
C VAL A 343 -5.12 15.99 -1.58
N TYR A 344 -5.30 14.85 -2.26
CA TYR A 344 -6.18 13.81 -1.72
C TYR A 344 -5.51 13.04 -0.59
N ALA A 345 -4.25 12.65 -0.76
CA ALA A 345 -3.54 11.96 0.31
C ALA A 345 -3.47 12.81 1.56
N SER A 346 -3.21 14.12 1.39
CA SER A 346 -3.06 14.99 2.54
C SER A 346 -4.40 15.31 3.20
N THR A 347 -5.45 15.54 2.42
CA THR A 347 -6.74 15.90 3.01
C THR A 347 -7.35 14.71 3.77
N THR A 348 -7.24 13.52 3.20
CA THR A 348 -7.69 12.33 3.93
C THR A 348 -6.88 12.11 5.20
N PHE A 349 -5.57 12.28 5.16
CA PHE A 349 -4.77 12.17 6.38
C PHE A 349 -5.33 13.08 7.47
N MET A 350 -5.63 14.34 7.13
CA MET A 350 -6.06 15.30 8.12
C MET A 350 -7.42 14.92 8.71
N TYR A 351 -8.40 14.60 7.86
CA TYR A 351 -9.76 14.38 8.36
C TYR A 351 -9.98 12.98 8.90
N SER A 352 -9.48 11.92 8.23
CA SER A 352 -9.71 10.57 8.73
C SER A 352 -9.06 10.31 10.07
N PHE A 353 -7.94 10.96 10.37
CA PHE A 353 -7.28 10.80 11.66
C PHE A 353 -7.46 12.03 12.55
N ASP A 354 -8.16 13.06 12.08
CA ASP A 354 -8.28 14.34 12.77
C ASP A 354 -6.95 14.86 13.29
N TYR A 355 -5.96 14.90 12.40
CA TYR A 355 -4.62 15.32 12.81
C TYR A 355 -4.59 16.81 13.13
N HIS A 356 -4.14 17.14 14.35
CA HIS A 356 -3.83 18.49 14.77
C HIS A 356 -2.34 18.57 15.10
N MET A 357 -1.81 19.80 15.09
CA MET A 357 -0.37 19.96 15.26
C MET A 357 0.15 19.40 16.58
N ASP A 358 -0.67 19.34 17.65
CA ASP A 358 -0.18 18.76 18.90
C ASP A 358 -0.28 17.26 18.98
N ASP A 359 -0.79 16.60 17.93
CA ASP A 359 -0.83 15.16 17.86
C ASP A 359 0.54 14.58 17.45
N VAL A 360 0.78 13.34 17.86
CA VAL A 360 1.95 12.58 17.48
C VAL A 360 1.45 11.32 16.80
N TYR A 361 1.89 11.09 15.57
CA TYR A 361 1.31 10.09 14.68
C TYR A 361 2.27 8.95 14.41
N PHE A 362 1.74 7.72 14.36
CA PHE A 362 2.55 6.53 14.07
C PHE A 362 1.75 5.62 13.16
N CYS A 363 2.21 5.47 11.90
CA CYS A 363 1.70 4.47 10.97
C CYS A 363 2.72 3.35 10.83
N THR A 364 2.27 2.11 10.92
CA THR A 364 3.16 0.95 10.93
C THR A 364 3.44 0.37 9.55
N ALA A 365 2.93 1.00 8.49
CA ALA A 365 3.07 0.51 7.13
C ALA A 365 4.46 0.79 6.57
N ASP A 366 4.83 0.00 5.56
CA ASP A 366 6.07 0.18 4.84
C ASP A 366 5.86 1.05 3.58
N ILE A 367 6.90 1.81 3.18
CA ILE A 367 6.82 2.60 1.94
C ILE A 367 6.71 1.75 0.68
N GLY A 368 6.99 0.44 0.74
CA GLY A 368 6.78 -0.40 -0.43
C GLY A 368 5.34 -0.59 -0.84
N TRP A 369 4.41 -0.12 -0.02
CA TRP A 369 2.99 -0.20 -0.36
C TRP A 369 2.38 1.19 -0.28
N ILE A 370 1.18 1.31 -0.88
CA ILE A 370 0.58 2.64 -1.00
C ILE A 370 0.36 3.28 0.37
N THR A 371 0.08 2.50 1.41
CA THR A 371 -0.17 3.09 2.71
C THR A 371 1.04 3.87 3.21
N GLY A 372 2.25 3.35 2.97
CA GLY A 372 3.45 4.09 3.33
C GLY A 372 3.70 5.34 2.49
N HIS A 373 3.30 5.32 1.21
CA HIS A 373 3.37 6.52 0.38
C HIS A 373 2.46 7.61 0.97
N SER A 374 1.19 7.30 1.07
CA SER A 374 0.21 8.33 1.43
C SER A 374 0.25 8.66 2.90
N TYR A 375 0.48 7.67 3.77
CA TYR A 375 0.23 7.83 5.19
C TYR A 375 1.45 7.55 6.07
N VAL A 376 2.67 7.47 5.51
CA VAL A 376 3.87 7.67 6.30
C VAL A 376 4.63 8.91 5.83
N VAL A 377 4.88 9.02 4.53
CA VAL A 377 5.72 10.10 4.00
C VAL A 377 4.90 11.30 3.52
N TYR A 378 4.11 11.15 2.46
CA TYR A 378 3.59 12.35 1.77
C TYR A 378 2.54 13.09 2.61
N GLY A 379 1.42 12.42 2.93
CA GLY A 379 0.35 13.12 3.60
C GLY A 379 0.76 13.72 4.94
N PRO A 380 1.42 12.93 5.80
CA PRO A 380 1.80 13.47 7.13
C PRO A 380 2.74 14.65 7.02
N MET A 381 3.76 14.60 6.15
CA MET A 381 4.67 15.73 6.09
C MET A 381 4.01 16.96 5.46
N ILE A 382 3.11 16.79 4.50
CA ILE A 382 2.45 17.94 3.91
C ILE A 382 1.63 18.68 4.97
N HIS A 383 1.09 17.97 5.96
CA HIS A 383 0.39 18.62 7.07
C HIS A 383 1.28 18.82 8.31
N CYS A 384 2.60 18.75 8.14
CA CYS A 384 3.58 19.11 9.16
C CYS A 384 3.41 18.24 10.40
N ALA A 385 3.13 16.97 10.19
CA ALA A 385 2.94 16.05 11.30
C ALA A 385 4.27 15.77 11.99
N THR A 386 4.20 15.54 13.31
CA THR A 386 5.27 14.86 14.02
C THR A 386 4.93 13.37 14.07
N SER A 387 5.81 12.54 13.53
CA SER A 387 5.57 11.12 13.34
C SER A 387 6.66 10.26 13.98
N VAL A 388 6.31 9.00 14.23
CA VAL A 388 7.26 7.95 14.58
C VAL A 388 7.63 7.19 13.31
N LEU A 389 8.93 7.01 13.08
CA LEU A 389 9.46 6.24 11.96
C LEU A 389 10.20 5.06 12.54
N PHE A 390 9.75 3.84 12.23
CA PHE A 390 10.28 2.65 12.90
C PHE A 390 10.76 1.61 11.90
N GLU A 391 12.05 1.27 11.97
CA GLU A 391 12.68 0.32 11.06
C GLU A 391 12.31 -1.12 11.36
N GLY A 392 11.87 -1.42 12.57
CA GLY A 392 11.80 -2.78 13.04
C GLY A 392 10.44 -3.43 12.92
N VAL A 393 10.19 -4.37 13.82
CA VAL A 393 9.02 -5.24 13.76
C VAL A 393 8.34 -5.24 15.12
N PRO A 394 7.07 -5.62 15.18
CA PRO A 394 6.33 -5.54 16.45
C PRO A 394 6.80 -6.48 17.53
N ASN A 395 7.61 -7.50 17.22
CA ASN A 395 7.98 -8.48 18.24
C ASN A 395 9.47 -8.50 18.57
N TYR A 396 10.20 -7.42 18.29
CA TYR A 396 11.60 -7.38 18.68
C TYR A 396 11.92 -6.05 19.34
N PRO A 397 12.52 -6.08 20.56
CA PRO A 397 12.98 -7.27 21.29
C PRO A 397 11.87 -8.22 21.70
N ASP A 398 10.66 -7.71 21.90
CA ASP A 398 9.50 -8.57 22.18
C ASP A 398 8.24 -7.83 21.77
N TYR A 399 7.09 -8.48 21.97
CA TYR A 399 5.82 -7.98 21.47
C TYR A 399 5.33 -6.72 22.19
N SER A 400 6.09 -6.19 23.15
CA SER A 400 5.77 -4.88 23.70
C SER A 400 6.31 -3.73 22.89
N ARG A 401 7.07 -3.99 21.82
CA ARG A 401 7.87 -2.93 21.20
C ARG A 401 7.02 -1.75 20.73
N TRP A 402 5.93 -2.01 20.01
CA TRP A 402 5.16 -0.87 19.51
C TRP A 402 4.60 -0.04 20.66
N TRP A 403 4.23 -0.69 21.77
CA TRP A 403 3.70 0.05 22.91
C TRP A 403 4.80 0.81 23.65
N GLN A 404 6.04 0.31 23.62
CA GLN A 404 7.15 1.10 24.12
C GLN A 404 7.31 2.37 23.30
N LEU A 405 7.14 2.28 21.97
CA LEU A 405 7.19 3.46 21.10
C LEU A 405 6.05 4.41 21.41
N VAL A 406 4.84 3.88 21.57
CA VAL A 406 3.69 4.75 21.85
C VAL A 406 3.94 5.54 23.12
N GLU A 407 4.42 4.86 24.17
CA GLU A 407 4.64 5.55 25.45
C GLU A 407 5.77 6.57 25.37
N LYS A 408 6.88 6.17 24.75
CA LYS A 408 8.08 6.99 24.73
C LYS A 408 7.87 8.29 23.98
N TYR A 409 7.13 8.24 22.87
CA TYR A 409 6.92 9.41 22.03
C TYR A 409 5.54 10.03 22.22
N LYS A 410 4.75 9.51 23.16
CA LYS A 410 3.44 10.07 23.48
C LYS A 410 2.55 10.09 22.24
N VAL A 411 2.55 8.96 21.52
CA VAL A 411 1.74 8.83 20.32
C VAL A 411 0.28 8.99 20.64
N SER A 412 -0.42 9.78 19.83
CA SER A 412 -1.87 9.98 20.01
C SER A 412 -2.69 9.37 18.89
N ILE A 413 -2.08 9.08 17.74
CA ILE A 413 -2.76 8.47 16.59
C ILE A 413 -1.90 7.31 16.11
N LEU A 414 -2.47 6.10 16.09
CA LEU A 414 -1.78 4.90 15.64
C LEU A 414 -2.57 4.25 14.50
N TYR A 415 -1.91 4.08 13.35
CA TYR A 415 -2.55 3.53 12.14
C TYR A 415 -1.85 2.23 11.80
N THR A 416 -2.58 1.12 11.91
CA THR A 416 -1.94 -0.19 11.70
C THR A 416 -2.90 -1.08 10.89
N ALA A 417 -2.64 -2.38 10.87
CA ALA A 417 -3.32 -3.32 9.99
C ALA A 417 -3.86 -4.51 10.78
N PRO A 418 -4.97 -5.10 10.34
CA PRO A 418 -5.51 -6.26 11.06
C PRO A 418 -4.54 -7.42 11.21
N THR A 419 -3.67 -7.70 10.24
CA THR A 419 -2.70 -8.78 10.42
CA THR A 419 -2.72 -8.79 10.45
C THR A 419 -1.86 -8.53 11.68
N ALA A 420 -1.38 -7.30 11.82
CA ALA A 420 -0.60 -6.96 12.99
C ALA A 420 -1.45 -7.07 14.25
N ILE A 421 -2.68 -6.57 14.20
CA ILE A 421 -3.55 -6.62 15.37
C ILE A 421 -3.76 -8.05 15.80
N ARG A 422 -4.06 -8.95 14.85
CA ARG A 422 -4.25 -10.35 15.19
C ARG A 422 -3.00 -10.95 15.83
N SER A 423 -1.82 -10.54 15.35
N SER A 423 -1.83 -10.56 15.35
CA SER A 423 -0.59 -11.06 15.93
CA SER A 423 -0.61 -11.09 15.94
C SER A 423 -0.39 -10.54 17.35
C SER A 423 -0.41 -10.55 17.37
N LEU A 424 -0.76 -9.28 17.60
CA LEU A 424 -0.65 -8.75 18.95
C LEU A 424 -1.66 -9.43 19.87
N MET A 425 -2.88 -9.63 19.40
CA MET A 425 -3.88 -10.33 20.20
C MET A 425 -3.40 -11.71 20.60
N GLN A 426 -2.81 -12.43 19.64
CA GLN A 426 -2.35 -13.78 19.93
C GLN A 426 -1.20 -13.76 20.93
N ALA A 427 -0.36 -12.73 20.90
CA ALA A 427 0.72 -12.63 21.86
C ALA A 427 0.20 -12.41 23.28
N GLY A 428 -0.96 -11.79 23.44
CA GLY A 428 -1.59 -11.70 24.74
C GLY A 428 -1.59 -10.28 25.27
N ASP A 429 -2.53 -10.02 26.17
CA ASP A 429 -2.75 -8.65 26.62
C ASP A 429 -1.63 -8.10 27.49
N ASP A 430 -0.85 -8.96 28.14
CA ASP A 430 0.18 -8.43 29.03
C ASP A 430 1.32 -7.74 28.27
N TYR A 431 1.56 -8.10 27.00
CA TYR A 431 2.53 -7.32 26.25
C TYR A 431 2.05 -5.90 25.99
N VAL A 432 0.73 -5.70 25.91
CA VAL A 432 0.16 -4.36 25.73
C VAL A 432 0.14 -3.59 27.03
N LYS A 433 -0.29 -4.23 28.10
CA LYS A 433 -0.64 -3.50 29.31
C LYS A 433 0.58 -3.04 30.10
N VAL A 434 1.78 -3.50 29.76
CA VAL A 434 2.97 -2.95 30.37
C VAL A 434 3.28 -1.57 29.82
N GLY A 435 2.57 -1.15 28.78
CA GLY A 435 2.81 0.14 28.16
C GLY A 435 1.79 1.17 28.59
N ASN A 436 2.23 2.43 28.67
CA ASN A 436 1.31 3.52 28.95
C ASN A 436 0.65 3.96 27.65
N ARG A 437 -0.68 3.80 27.56
CA ARG A 437 -1.42 4.17 26.36
C ARG A 437 -2.34 5.36 26.59
N SER A 438 -2.08 6.15 27.65
CA SER A 438 -2.95 7.25 28.00
C SER A 438 -3.00 8.32 26.91
N THR A 439 -1.97 8.42 26.09
CA THR A 439 -1.94 9.47 25.08
C THR A 439 -2.71 9.11 23.81
N LEU A 440 -3.07 7.84 23.63
CA LEU A 440 -3.78 7.47 22.42
C LEU A 440 -5.20 8.02 22.42
N ARG A 441 -5.63 8.55 21.27
CA ARG A 441 -7.01 8.99 21.09
C ARG A 441 -7.64 8.56 19.77
N VAL A 442 -6.85 8.18 18.77
CA VAL A 442 -7.35 7.67 17.49
C VAL A 442 -6.53 6.46 17.07
N LEU A 443 -7.22 5.40 16.69
CA LEU A 443 -6.62 4.18 16.18
C LEU A 443 -7.17 3.97 14.78
N GLY A 444 -6.32 3.55 13.87
CA GLY A 444 -6.76 3.30 12.51
C GLY A 444 -6.36 1.91 12.07
N SER A 445 -7.15 1.36 11.15
CA SER A 445 -6.95 0.02 10.58
C SER A 445 -7.06 0.10 9.07
N VAL A 446 -6.17 -0.57 8.36
CA VAL A 446 -6.16 -0.54 6.90
C VAL A 446 -5.77 -1.90 6.34
N GLY A 447 -6.37 -2.22 5.20
CA GLY A 447 -5.82 -3.18 4.27
C GLY A 447 -6.60 -4.48 4.17
N GLU A 448 -7.46 -4.77 5.13
CA GLU A 448 -8.18 -6.03 5.18
C GLU A 448 -9.38 -5.85 6.09
N PRO A 449 -10.38 -6.72 5.99
CA PRO A 449 -11.51 -6.66 6.93
C PRO A 449 -11.02 -6.91 8.35
N ILE A 450 -11.75 -6.35 9.31
CA ILE A 450 -11.44 -6.55 10.71
C ILE A 450 -12.71 -7.01 11.40
N ASN A 451 -12.62 -8.09 12.18
CA ASN A 451 -13.81 -8.63 12.79
C ASN A 451 -14.08 -7.95 14.12
N VAL A 452 -15.25 -8.21 14.69
CA VAL A 452 -15.68 -7.48 15.88
C VAL A 452 -14.69 -7.69 17.01
N GLU A 453 -14.24 -8.94 17.21
CA GLU A 453 -13.37 -9.22 18.35
C GLU A 453 -12.07 -8.42 18.26
N ALA A 454 -11.48 -8.35 17.06
CA ALA A 454 -10.23 -7.64 16.90
C ALA A 454 -10.44 -6.13 17.02
N TRP A 455 -11.56 -5.64 16.49
CA TRP A 455 -11.85 -4.21 16.59
C TRP A 455 -12.01 -3.80 18.03
N LYS A 456 -12.79 -4.59 18.79
CA LYS A 456 -13.00 -4.30 20.20
C LYS A 456 -11.69 -4.39 20.96
N TRP A 457 -10.85 -5.38 20.63
CA TRP A 457 -9.57 -5.49 21.32
C TRP A 457 -8.70 -4.28 21.04
N LEU A 458 -8.64 -3.86 19.78
CA LEU A 458 -7.89 -2.66 19.43
C LEU A 458 -8.35 -1.46 20.25
N ARG A 459 -9.65 -1.20 20.28
CA ARG A 459 -10.15 0.00 20.97
C ARG A 459 -10.06 -0.13 22.48
N ASP A 460 -10.55 -1.25 23.02
CA ASP A 460 -10.81 -1.34 24.44
C ASP A 460 -9.67 -1.94 25.25
N VAL A 461 -8.76 -2.68 24.61
CA VAL A 461 -7.51 -3.09 25.24
C VAL A 461 -6.38 -2.18 24.78
N GLY A 462 -6.07 -2.21 23.47
CA GLY A 462 -5.00 -1.36 22.96
C GLY A 462 -5.20 0.10 23.31
N GLY A 463 -6.38 0.63 23.03
CA GLY A 463 -6.67 2.02 23.32
C GLY A 463 -7.38 2.30 24.63
N GLU A 464 -7.49 1.32 25.54
CA GLU A 464 -8.07 1.50 26.88
C GLU A 464 -9.49 2.05 26.86
N GLY A 465 -10.20 1.90 25.74
CA GLY A 465 -11.55 2.40 25.66
C GLY A 465 -11.70 3.90 25.59
N HIS A 466 -10.64 4.64 25.27
CA HIS A 466 -10.72 6.09 25.13
C HIS A 466 -10.22 6.55 23.78
N CYS A 467 -10.52 5.77 22.74
CA CYS A 467 -10.13 6.06 21.36
C CYS A 467 -11.28 5.88 20.40
N ASP A 468 -11.29 6.68 19.34
CA ASP A 468 -12.08 6.32 18.18
C ASP A 468 -11.23 5.47 17.25
N VAL A 469 -11.89 4.68 16.40
CA VAL A 469 -11.22 3.80 15.45
C VAL A 469 -11.63 4.19 14.04
N SER A 470 -10.65 4.45 13.17
CA SER A 470 -10.91 4.70 11.76
C SER A 470 -10.49 3.48 10.94
N ASP A 471 -11.47 2.66 10.58
CA ASP A 471 -11.27 1.53 9.66
C ASP A 471 -11.41 2.11 8.26
N THR A 472 -10.27 2.29 7.58
CA THR A 472 -10.19 3.01 6.32
C THR A 472 -10.15 2.05 5.15
N TRP A 473 -11.20 2.06 4.31
CA TRP A 473 -11.18 1.28 3.06
C TRP A 473 -10.72 2.19 1.92
N TRP A 474 -9.78 1.66 1.13
CA TRP A 474 -9.26 2.28 -0.08
C TRP A 474 -8.29 1.31 -0.75
N GLN A 475 -7.62 1.74 -1.82
CA GLN A 475 -6.78 0.87 -2.61
C GLN A 475 -5.65 1.69 -3.22
N THR A 476 -4.64 0.99 -3.74
CA THR A 476 -3.55 1.66 -4.45
C THR A 476 -4.12 2.61 -5.50
N GLU A 477 -5.11 2.14 -6.26
CA GLU A 477 -5.71 2.90 -7.34
C GLU A 477 -6.49 4.13 -6.89
N THR A 478 -6.82 4.26 -5.60
CA THR A 478 -7.63 5.40 -5.19
C THR A 478 -6.81 6.50 -4.53
N GLY A 479 -5.51 6.28 -4.32
CA GLY A 479 -4.63 7.34 -3.80
C GLY A 479 -4.71 7.57 -2.31
N GLY A 480 -5.93 7.64 -1.77
CA GLY A 480 -6.16 7.80 -0.35
C GLY A 480 -7.48 7.18 0.06
N HIS A 481 -7.79 7.33 1.35
CA HIS A 481 -9.01 6.82 1.95
C HIS A 481 -10.24 7.14 1.12
N MET A 482 -11.20 6.19 1.06
CA MET A 482 -12.43 6.37 0.31
C MET A 482 -13.68 6.20 1.16
N ILE A 483 -13.68 5.23 2.07
CA ILE A 483 -14.77 5.02 3.02
C ILE A 483 -14.12 4.88 4.39
N THR A 484 -14.51 5.74 5.34
CA THR A 484 -13.77 5.79 6.61
C THR A 484 -14.58 6.54 7.67
N PRO A 485 -14.46 6.16 8.93
CA PRO A 485 -14.90 7.05 10.01
C PRO A 485 -14.02 8.29 10.05
N MET A 486 -14.51 9.31 10.75
CA MET A 486 -13.74 10.48 11.12
C MET A 486 -13.90 10.67 12.63
N PRO A 487 -12.82 10.90 13.37
CA PRO A 487 -12.92 10.95 14.84
C PRO A 487 -13.83 12.04 15.32
N GLY A 488 -14.55 11.75 16.41
CA GLY A 488 -15.36 12.73 17.09
C GLY A 488 -16.76 12.91 16.52
N CYS A 489 -16.94 12.65 15.23
CA CYS A 489 -18.20 12.95 14.57
C CYS A 489 -18.90 11.74 13.96
N THR A 490 -18.26 10.56 13.90
CA THR A 490 -18.82 9.41 13.19
C THR A 490 -19.09 8.26 14.15
N PRO A 491 -20.34 7.94 14.43
CA PRO A 491 -20.63 6.71 15.17
C PRO A 491 -20.03 5.53 14.41
N MET A 492 -19.41 4.62 15.14
CA MET A 492 -18.71 3.51 14.55
C MET A 492 -19.49 2.22 14.71
N LYS A 493 -19.36 1.34 13.72
CA LYS A 493 -19.85 -0.02 13.84
C LYS A 493 -18.65 -0.94 13.71
N PRO A 494 -18.31 -1.77 14.70
CA PRO A 494 -17.10 -2.60 14.56
C PRO A 494 -17.20 -3.51 13.34
N GLY A 495 -16.19 -3.41 12.46
CA GLY A 495 -16.20 -4.17 11.23
C GLY A 495 -16.61 -3.39 10.01
N SER A 496 -17.18 -2.20 10.17
CA SER A 496 -17.64 -1.37 9.07
C SER A 496 -16.66 -0.24 8.80
N ALA A 497 -16.44 0.06 7.51
CA ALA A 497 -15.70 1.28 7.17
C ALA A 497 -16.53 2.55 7.34
N THR A 498 -17.85 2.39 7.52
CA THR A 498 -18.86 3.43 7.69
C THR A 498 -19.12 4.22 6.41
N LEU A 499 -18.82 5.53 6.39
CA LEU A 499 -19.36 6.43 5.39
C LEU A 499 -18.29 6.90 4.39
N PRO A 500 -18.69 7.28 3.17
CA PRO A 500 -17.71 7.77 2.19
C PRO A 500 -17.03 9.06 2.62
N PHE A 501 -15.77 9.17 2.19
CA PHE A 501 -15.00 10.39 2.38
C PHE A 501 -15.64 11.52 1.56
N PHE A 502 -15.39 12.74 1.98
CA PHE A 502 -15.86 13.90 1.24
C PHE A 502 -15.51 13.77 -0.23
N GLY A 503 -16.49 14.04 -1.10
CA GLY A 503 -16.24 14.00 -2.54
C GLY A 503 -16.34 12.62 -3.16
N VAL A 504 -16.60 11.58 -2.38
CA VAL A 504 -16.57 10.20 -2.86
C VAL A 504 -18.01 9.70 -2.92
N GLN A 505 -18.39 9.13 -4.07
CA GLN A 505 -19.74 8.62 -4.29
C GLN A 505 -19.67 7.12 -4.58
N PRO A 506 -19.67 6.28 -3.54
CA PRO A 506 -19.74 4.85 -3.77
C PRO A 506 -21.13 4.40 -4.17
N VAL A 507 -21.18 3.24 -4.84
CA VAL A 507 -22.42 2.58 -5.18
C VAL A 507 -22.23 1.09 -5.00
N ILE A 508 -23.36 0.40 -4.87
CA ILE A 508 -23.42 -1.07 -4.89
C ILE A 508 -24.06 -1.44 -6.21
N LEU A 509 -23.32 -2.13 -7.07
CA LEU A 509 -23.89 -2.64 -8.30
C LEU A 509 -24.44 -4.05 -8.11
N ASP A 510 -25.61 -4.28 -8.67
CA ASP A 510 -26.25 -5.58 -8.69
C ASP A 510 -25.35 -6.58 -9.40
N PRO A 511 -24.94 -7.68 -8.74
CA PRO A 511 -24.11 -8.66 -9.45
C PRO A 511 -24.85 -9.38 -10.58
N MET A 512 -26.18 -9.35 -10.61
CA MET A 512 -26.91 -9.98 -11.71
C MET A 512 -26.86 -9.12 -12.98
N LYS A 513 -27.36 -7.88 -12.89
CA LYS A 513 -27.48 -7.07 -14.10
C LYS A 513 -26.72 -5.77 -14.04
N LEU A 514 -25.94 -5.53 -12.99
CA LEU A 514 -24.86 -4.57 -12.94
C LEU A 514 -25.33 -3.12 -12.90
N HIS A 515 -26.58 -2.88 -12.56
CA HIS A 515 -27.04 -1.52 -12.31
C HIS A 515 -27.03 -1.22 -10.82
N GLU A 516 -27.18 0.06 -10.47
CA GLU A 516 -27.12 0.43 -9.06
C GLU A 516 -28.28 -0.18 -8.29
N LYS A 517 -27.97 -0.67 -7.09
CA LYS A 517 -28.98 -1.13 -6.14
C LYS A 517 -29.26 -0.03 -5.14
N GLN A 518 -30.54 0.17 -4.85
CA GLN A 518 -31.03 1.12 -3.88
C GLN A 518 -31.30 0.44 -2.54
N GLY A 519 -31.19 1.22 -1.47
CA GLY A 519 -31.52 0.72 -0.15
C GLY A 519 -30.39 -0.13 0.37
N PRO A 520 -30.66 -0.87 1.45
CA PRO A 520 -29.66 -1.82 1.93
C PRO A 520 -29.43 -2.87 0.86
N ALA A 521 -28.16 -3.16 0.59
CA ALA A 521 -27.83 -3.92 -0.61
C ALA A 521 -26.44 -4.50 -0.48
N GLU A 522 -26.26 -5.68 -1.06
CA GLU A 522 -24.96 -6.32 -1.15
C GLU A 522 -24.65 -6.57 -2.64
N GLY A 523 -23.41 -6.34 -3.02
CA GLY A 523 -23.04 -6.53 -4.39
C GLY A 523 -21.64 -6.04 -4.69
N LEU A 524 -21.45 -5.47 -5.86
CA LEU A 524 -20.13 -5.03 -6.30
C LEU A 524 -19.92 -3.58 -5.92
N LEU A 525 -18.79 -3.29 -5.27
CA LEU A 525 -18.48 -1.94 -4.86
C LEU A 525 -17.85 -1.18 -6.03
N ALA A 526 -18.43 -0.02 -6.35
CA ALA A 526 -17.94 0.81 -7.44
C ALA A 526 -18.05 2.25 -7.00
N ILE A 527 -17.37 3.14 -7.75
CA ILE A 527 -17.38 4.58 -7.47
C ILE A 527 -17.89 5.29 -8.72
N ARG A 528 -18.91 6.12 -8.59
CA ARG A 528 -19.63 6.62 -9.75
C ARG A 528 -19.16 7.98 -10.24
N ALA A 529 -18.18 8.58 -9.58
CA ALA A 529 -17.74 9.94 -9.91
C ALA A 529 -16.27 10.05 -9.55
N PRO A 530 -15.55 10.97 -10.16
CA PRO A 530 -14.12 11.08 -9.91
C PRO A 530 -13.81 11.74 -8.58
N TRP A 531 -12.60 11.50 -8.11
CA TRP A 531 -12.06 12.12 -6.90
C TRP A 531 -10.59 12.41 -7.19
N PRO A 532 -9.97 13.34 -6.45
CA PRO A 532 -8.67 13.87 -6.88
C PRO A 532 -7.55 12.85 -6.87
N GLY A 533 -7.62 11.87 -5.98
CA GLY A 533 -6.55 10.90 -5.84
C GLY A 533 -6.57 9.71 -6.77
N MET A 534 -7.47 9.66 -7.74
CA MET A 534 -7.58 8.47 -8.57
C MET A 534 -6.32 8.26 -9.40
N ALA A 535 -5.86 7.02 -9.48
CA ALA A 535 -4.78 6.72 -10.41
C ALA A 535 -5.22 7.07 -11.81
N ARG A 536 -4.26 7.52 -12.63
CA ARG A 536 -4.64 8.04 -13.94
C ARG A 536 -4.53 7.01 -15.05
N THR A 537 -3.69 5.99 -14.89
CA THR A 537 -3.51 4.98 -15.92
C THR A 537 -2.68 3.85 -15.33
N ILE A 538 -2.44 2.83 -16.15
CA ILE A 538 -1.38 1.84 -15.95
C ILE A 538 -0.24 2.23 -16.87
N TYR A 539 0.99 2.23 -16.35
CA TYR A 539 2.13 2.70 -17.12
C TYR A 539 2.28 1.96 -18.44
N GLY A 540 2.18 2.70 -19.55
CA GLY A 540 2.31 2.15 -20.89
C GLY A 540 1.13 1.34 -21.39
N ASP A 541 -0.01 1.32 -20.68
CA ASP A 541 -1.07 0.39 -21.07
C ASP A 541 -2.42 0.93 -20.58
N HIS A 542 -2.84 2.03 -21.20
CA HIS A 542 -4.14 2.58 -20.83
C HIS A 542 -5.28 1.64 -21.24
N ALA A 543 -5.13 0.89 -22.32
CA ALA A 543 -6.17 -0.06 -22.69
C ALA A 543 -6.45 -1.03 -21.56
N ARG A 544 -5.39 -1.51 -20.90
CA ARG A 544 -5.57 -2.44 -19.80
C ARG A 544 -6.22 -1.76 -18.61
N PHE A 545 -5.88 -0.50 -18.36
CA PHE A 545 -6.55 0.29 -17.33
C PHE A 545 -8.05 0.35 -17.58
N GLU A 546 -8.45 0.65 -18.83
CA GLU A 546 -9.88 0.75 -19.12
C GLU A 546 -10.55 -0.59 -18.95
N LYS A 547 -9.87 -1.66 -19.38
CA LYS A 547 -10.45 -2.99 -19.32
C LYS A 547 -10.63 -3.47 -17.89
N THR A 548 -9.66 -3.17 -17.03
CA THR A 548 -9.68 -3.67 -15.66
C THR A 548 -10.70 -2.92 -14.81
N TYR A 549 -10.74 -1.58 -14.92
CA TYR A 549 -11.50 -0.77 -13.96
C TYR A 549 -12.77 -0.15 -14.53
N PHE A 550 -12.95 -0.14 -15.85
CA PHE A 550 -14.08 0.58 -16.42
C PHE A 550 -14.87 -0.32 -17.34
N GLY A 551 -14.97 -1.60 -16.99
CA GLY A 551 -15.76 -2.52 -17.77
C GLY A 551 -17.25 -2.23 -17.72
N VAL A 552 -17.72 -1.56 -16.68
CA VAL A 552 -19.10 -1.11 -16.60
C VAL A 552 -19.11 0.40 -16.81
N ASP A 553 -19.57 0.83 -17.98
CA ASP A 553 -19.51 2.24 -18.33
C ASP A 553 -20.15 3.09 -17.26
N GLY A 554 -19.43 4.13 -16.85
CA GLY A 554 -19.88 5.09 -15.88
C GLY A 554 -19.34 4.89 -14.50
N TYR A 555 -18.57 3.83 -14.24
CA TYR A 555 -18.13 3.49 -12.90
C TYR A 555 -16.68 3.06 -12.89
N TYR A 556 -15.97 3.48 -11.85
CA TYR A 556 -14.73 2.83 -11.44
C TYR A 556 -15.07 1.56 -10.64
N MET A 557 -14.68 0.39 -11.15
CA MET A 557 -14.96 -0.91 -10.52
C MET A 557 -13.81 -1.27 -9.58
N THR A 558 -14.10 -1.40 -8.28
CA THR A 558 -13.03 -1.56 -7.31
C THR A 558 -12.40 -2.94 -7.36
N GLY A 559 -13.15 -3.98 -7.69
CA GLY A 559 -12.71 -5.34 -7.48
C GLY A 559 -13.12 -5.92 -6.14
N ASP A 560 -13.74 -5.12 -5.27
CA ASP A 560 -14.25 -5.58 -3.99
C ASP A 560 -15.77 -5.74 -4.05
N GLY A 561 -16.27 -6.59 -3.16
CA GLY A 561 -17.69 -6.64 -2.87
C GLY A 561 -17.95 -5.92 -1.56
N ALA A 562 -19.20 -5.47 -1.38
CA ALA A 562 -19.55 -4.77 -0.14
C ALA A 562 -21.04 -4.89 0.10
N ARG A 563 -21.41 -4.71 1.36
CA ARG A 563 -22.80 -4.60 1.78
C ARG A 563 -22.97 -3.20 2.36
N ARG A 564 -24.07 -2.56 1.99
CA ARG A 564 -24.46 -1.27 2.56
C ARG A 564 -25.68 -1.52 3.42
N ASP A 565 -25.64 -1.07 4.66
CA ASP A 565 -26.73 -1.35 5.58
C ASP A 565 -27.74 -0.19 5.59
N SER A 566 -28.76 -0.30 6.44
CA SER A 566 -29.85 0.68 6.39
C SER A 566 -29.47 2.03 6.95
N ASP A 567 -28.29 2.17 7.56
CA ASP A 567 -27.77 3.47 7.94
C ASP A 567 -26.88 4.05 6.88
N GLY A 568 -26.70 3.35 5.75
CA GLY A 568 -25.78 3.81 4.74
C GLY A 568 -24.33 3.47 4.99
N TYR A 569 -24.05 2.62 5.97
CA TYR A 569 -22.69 2.22 6.31
C TYR A 569 -22.27 1.06 5.42
N TYR A 570 -21.02 1.09 4.96
CA TYR A 570 -20.47 0.07 4.10
C TYR A 570 -19.66 -0.96 4.87
N TRP A 571 -19.80 -2.22 4.43
CA TRP A 571 -19.12 -3.38 5.01
C TRP A 571 -18.40 -4.06 3.86
N ILE A 572 -17.09 -3.97 3.84
CA ILE A 572 -16.30 -4.56 2.76
C ILE A 572 -16.15 -6.06 2.99
N THR A 573 -16.49 -6.84 2.00
CA THR A 573 -16.50 -8.29 2.14
C THR A 573 -15.35 -8.97 1.41
N GLY A 574 -14.47 -8.20 0.75
CA GLY A 574 -13.27 -8.75 0.16
C GLY A 574 -13.31 -8.78 -1.36
N ARG A 575 -12.18 -9.21 -1.94
CA ARG A 575 -12.07 -9.21 -3.38
C ARG A 575 -13.07 -10.18 -3.99
N VAL A 576 -13.65 -9.79 -5.13
CA VAL A 576 -14.47 -10.68 -5.92
C VAL A 576 -13.72 -11.23 -7.12
N ASP A 577 -12.47 -10.80 -7.32
CA ASP A 577 -11.63 -11.33 -8.37
C ASP A 577 -10.60 -12.26 -7.71
N ASP A 578 -9.56 -12.61 -8.45
CA ASP A 578 -8.60 -13.61 -8.01
C ASP A 578 -7.48 -13.05 -7.14
N VAL A 579 -7.62 -11.86 -6.63
CA VAL A 579 -6.55 -11.22 -5.89
C VAL A 579 -6.59 -11.68 -4.45
N LEU A 580 -5.42 -12.01 -3.90
CA LEU A 580 -5.29 -12.46 -2.53
C LEU A 580 -4.87 -11.33 -1.61
N ASN A 581 -5.14 -11.52 -0.33
CA ASN A 581 -4.79 -10.59 0.74
C ASN A 581 -4.12 -11.40 1.85
N VAL A 582 -2.79 -11.48 1.81
CA VAL A 582 -2.01 -12.44 2.59
C VAL A 582 -1.14 -11.63 3.53
N SER A 583 -1.41 -11.73 4.82
CA SER A 583 -0.71 -10.93 5.82
C SER A 583 -0.74 -9.46 5.47
N GLY A 584 -1.87 -8.99 4.97
CA GLY A 584 -2.04 -7.61 4.61
C GLY A 584 -1.41 -7.21 3.28
N HIS A 585 -0.79 -8.16 2.57
CA HIS A 585 -0.17 -7.87 1.28
C HIS A 585 -1.07 -8.31 0.14
N ARG A 586 -1.28 -7.41 -0.82
CA ARG A 586 -2.07 -7.69 -2.01
C ARG A 586 -1.20 -8.45 -3.01
N ILE A 587 -1.60 -9.67 -3.37
CA ILE A 587 -0.78 -10.53 -4.23
C ILE A 587 -1.69 -11.21 -5.24
N GLY A 588 -1.20 -11.40 -6.46
CA GLY A 588 -1.97 -11.98 -7.54
C GLY A 588 -1.66 -13.46 -7.70
N THR A 589 -2.64 -14.21 -8.16
CA THR A 589 -2.39 -15.64 -8.39
C THR A 589 -1.42 -15.87 -9.54
N SER A 590 -1.34 -14.95 -10.50
CA SER A 590 -0.57 -15.21 -11.72
C SER A 590 0.92 -15.22 -11.45
N GLU A 591 1.42 -14.26 -10.67
CA GLU A 591 2.85 -14.29 -10.42
C GLU A 591 3.21 -15.49 -9.58
N ILE A 592 2.31 -15.92 -8.69
CA ILE A 592 2.60 -17.09 -7.86
C ILE A 592 2.64 -18.35 -8.72
N GLU A 593 1.64 -18.52 -9.59
CA GLU A 593 1.63 -19.64 -10.52
C GLU A 593 2.85 -19.59 -11.45
N ASP A 594 3.14 -18.42 -12.02
CA ASP A 594 4.33 -18.32 -12.88
C ASP A 594 5.59 -18.72 -12.10
N ALA A 595 5.68 -18.32 -10.83
CA ALA A 595 6.85 -18.67 -10.03
C ALA A 595 6.90 -20.18 -9.77
N VAL A 596 5.78 -20.77 -9.34
CA VAL A 596 5.73 -22.21 -9.17
C VAL A 596 6.19 -22.94 -10.44
N ASN A 597 5.71 -22.46 -11.59
CA ASN A 597 5.98 -23.14 -12.85
C ASN A 597 7.43 -23.05 -13.30
N THR A 598 8.23 -22.16 -12.69
CA THR A 598 9.66 -22.12 -13.03
C THR A 598 10.44 -23.29 -12.42
N HIS A 599 9.90 -23.97 -11.43
CA HIS A 599 10.59 -25.15 -10.93
C HIS A 599 10.70 -26.16 -12.06
N PRO A 600 11.87 -26.76 -12.29
CA PRO A 600 12.08 -27.60 -13.48
C PRO A 600 11.15 -28.81 -13.57
N ALA A 601 10.65 -29.30 -12.45
CA ALA A 601 9.80 -30.48 -12.43
C ALA A 601 8.33 -30.16 -12.56
N VAL A 602 7.94 -28.89 -12.51
CA VAL A 602 6.54 -28.52 -12.48
C VAL A 602 6.07 -28.27 -13.90
N VAL A 603 4.92 -28.85 -14.23
CA VAL A 603 4.30 -28.63 -15.53
C VAL A 603 3.33 -27.44 -15.48
N GLU A 604 2.45 -27.40 -14.49
CA GLU A 604 1.48 -26.31 -14.36
C GLU A 604 1.04 -26.23 -12.90
N SER A 605 0.41 -25.11 -12.56
CA SER A 605 -0.10 -24.90 -11.21
C SER A 605 -1.30 -23.96 -11.23
N ALA A 606 -2.01 -23.96 -10.11
CA ALA A 606 -3.12 -23.06 -9.88
C ALA A 606 -3.20 -22.73 -8.40
N VAL A 607 -3.37 -21.45 -8.11
CA VAL A 607 -3.36 -20.93 -6.74
C VAL A 607 -4.72 -20.35 -6.40
N VAL A 608 -5.18 -20.65 -5.19
CA VAL A 608 -6.38 -20.04 -4.64
C VAL A 608 -6.09 -19.66 -3.19
N GLY A 609 -6.90 -18.74 -2.68
CA GLY A 609 -6.81 -18.37 -1.28
C GLY A 609 -7.69 -19.24 -0.39
N PHE A 610 -7.37 -19.25 0.89
CA PHE A 610 -8.19 -19.94 1.87
C PHE A 610 -8.06 -19.23 3.20
N PRO A 611 -9.07 -19.34 4.08
CA PRO A 611 -9.01 -18.60 5.35
C PRO A 611 -7.85 -19.07 6.21
N HIS A 612 -7.17 -18.11 6.82
CA HIS A 612 -5.97 -18.35 7.60
C HIS A 612 -6.03 -17.42 8.81
N ASN A 613 -5.95 -17.99 10.02
CA ASN A 613 -6.27 -17.23 11.23
C ASN A 613 -5.36 -16.00 11.35
N ILE A 614 -4.08 -16.19 11.13
CA ILE A 614 -3.12 -15.09 11.30
C ILE A 614 -2.95 -14.31 10.01
N LYS A 615 -2.79 -14.99 8.87
CA LYS A 615 -2.52 -14.30 7.61
C LYS A 615 -3.78 -13.69 6.99
N GLY A 616 -4.95 -14.05 7.50
CA GLY A 616 -6.22 -13.62 6.95
C GLY A 616 -6.62 -14.55 5.83
N GLU A 617 -5.79 -14.58 4.81
CA GLU A 617 -5.89 -15.51 3.69
C GLU A 617 -4.52 -16.15 3.49
N GLY A 618 -4.51 -17.49 3.36
CA GLY A 618 -3.30 -18.20 2.97
C GLY A 618 -3.30 -18.57 1.50
N ILE A 619 -2.14 -19.07 1.05
CA ILE A 619 -1.87 -19.40 -0.34
C ILE A 619 -1.93 -20.92 -0.49
N TYR A 620 -2.89 -21.39 -1.27
CA TYR A 620 -3.10 -22.81 -1.54
C TYR A 620 -2.71 -23.09 -2.99
N VAL A 621 -1.73 -23.98 -3.19
CA VAL A 621 -1.19 -24.31 -4.51
C VAL A 621 -1.62 -25.74 -4.87
N PHE A 622 -2.29 -25.88 -6.02
CA PHE A 622 -2.45 -27.17 -6.69
C PHE A 622 -1.42 -27.24 -7.81
N LEU A 623 -0.69 -28.35 -7.93
CA LEU A 623 0.29 -28.36 -8.99
C LEU A 623 0.50 -29.76 -9.52
N THR A 624 1.00 -29.82 -10.75
CA THR A 624 1.26 -31.09 -11.42
C THR A 624 2.73 -31.17 -11.82
N PHE A 625 3.31 -32.35 -11.64
CA PHE A 625 4.71 -32.58 -11.96
C PHE A 625 4.85 -33.36 -13.26
N ARG A 626 6.00 -33.17 -13.90
CA ARG A 626 6.36 -33.92 -15.09
C ARG A 626 6.21 -35.42 -14.86
N GLN A 627 5.80 -36.14 -15.89
CA GLN A 627 5.75 -37.60 -15.80
C GLN A 627 7.09 -38.11 -15.31
N GLY A 628 7.05 -39.02 -14.33
CA GLY A 628 8.27 -39.64 -13.82
C GLY A 628 8.89 -38.94 -12.64
N THR A 629 8.34 -37.81 -12.22
CA THR A 629 8.89 -37.08 -11.07
C THR A 629 8.61 -37.86 -9.79
N GLU A 630 9.61 -37.98 -8.93
CA GLU A 630 9.39 -38.58 -7.63
C GLU A 630 8.93 -37.50 -6.67
N VAL A 631 7.69 -37.63 -6.20
CA VAL A 631 7.12 -36.64 -5.31
C VAL A 631 7.58 -36.97 -3.90
N THR A 632 8.28 -36.02 -3.29
CA THR A 632 8.92 -36.18 -2.00
C THR A 632 8.70 -34.90 -1.22
N PRO A 633 8.84 -34.96 0.10
CA PRO A 633 8.77 -33.70 0.87
C PRO A 633 9.82 -32.70 0.44
N GLU A 634 11.01 -33.17 0.03
CA GLU A 634 12.06 -32.26 -0.42
C GLU A 634 11.67 -31.57 -1.73
N LEU A 635 10.96 -32.27 -2.61
CA LEU A 635 10.51 -31.62 -3.82
C LEU A 635 9.52 -30.52 -3.51
N LEU A 636 8.53 -30.81 -2.66
CA LEU A 636 7.56 -29.78 -2.32
C LEU A 636 8.26 -28.60 -1.66
N ALA A 637 9.25 -28.88 -0.81
CA ALA A 637 10.00 -27.79 -0.20
C ALA A 637 10.73 -26.96 -1.25
N ALA A 638 11.28 -27.61 -2.28
CA ALA A 638 11.99 -26.90 -3.32
C ALA A 638 11.05 -26.03 -4.15
N VAL A 639 9.81 -26.50 -4.36
CA VAL A 639 8.85 -25.66 -5.06
C VAL A 639 8.50 -24.44 -4.22
N LYS A 640 8.26 -24.66 -2.92
CA LYS A 640 7.97 -23.53 -2.04
C LYS A 640 9.12 -22.54 -2.04
N ALA A 641 10.36 -23.04 -1.97
CA ALA A 641 11.51 -22.15 -1.98
C ALA A 641 11.64 -21.43 -3.31
N THR A 642 11.19 -22.06 -4.41
CA THR A 642 11.26 -21.40 -5.69
C THR A 642 10.36 -20.17 -5.73
N VAL A 643 9.17 -20.27 -5.14
CA VAL A 643 8.30 -19.11 -5.06
C VAL A 643 8.96 -18.01 -4.26
N ARG A 644 9.58 -18.37 -3.15
CA ARG A 644 10.23 -17.39 -2.30
C ARG A 644 11.42 -16.76 -3.01
N LYS A 645 12.12 -17.53 -3.85
CA LYS A 645 13.22 -16.99 -4.65
C LYS A 645 12.74 -16.02 -5.71
N VAL A 646 11.66 -16.37 -6.41
CA VAL A 646 11.21 -15.57 -7.54
C VAL A 646 10.48 -14.31 -7.07
N ILE A 647 9.66 -14.40 -6.01
CA ILE A 647 8.87 -13.29 -5.52
C ILE A 647 9.37 -12.78 -4.17
N GLY A 648 9.41 -13.65 -3.18
CA GLY A 648 9.80 -13.27 -1.85
C GLY A 648 9.00 -14.03 -0.83
N PRO A 649 9.45 -13.99 0.42
CA PRO A 649 8.73 -14.67 1.51
C PRO A 649 7.27 -14.31 1.60
N LEU A 650 6.89 -13.10 1.20
CA LEU A 650 5.50 -12.69 1.34
C LEU A 650 4.57 -13.58 0.52
N ALA A 651 5.07 -14.31 -0.48
CA ALA A 651 4.23 -15.14 -1.35
C ALA A 651 4.38 -16.62 -1.05
N THR A 652 4.92 -16.98 0.12
CA THR A 652 5.17 -18.37 0.45
C THR A 652 3.88 -19.19 0.41
N PRO A 653 3.88 -20.30 -0.32
CA PRO A 653 2.74 -21.22 -0.24
C PRO A 653 2.55 -21.79 1.15
N ASP A 654 1.30 -21.82 1.59
CA ASP A 654 0.93 -22.41 2.87
C ASP A 654 0.58 -23.88 2.73
N VAL A 655 0.00 -24.28 1.61
CA VAL A 655 -0.39 -25.66 1.37
C VAL A 655 -0.06 -25.97 -0.09
N MET A 656 0.47 -27.16 -0.34
CA MET A 656 0.72 -27.60 -1.70
C MET A 656 0.10 -28.96 -1.88
N GLN A 657 -0.86 -29.04 -2.80
CA GLN A 657 -1.56 -30.27 -3.11
C GLN A 657 -1.17 -30.72 -4.51
N VAL A 658 -0.70 -31.96 -4.62
CA VAL A 658 -0.26 -32.50 -5.90
C VAL A 658 -1.47 -33.06 -6.64
N ALA A 659 -1.74 -32.51 -7.83
CA ALA A 659 -2.81 -32.97 -8.70
C ALA A 659 -2.23 -34.09 -9.56
N ARG A 660 -2.51 -35.32 -9.17
CA ARG A 660 -1.80 -36.45 -9.74
C ARG A 660 -2.11 -36.62 -11.23
N VAL A 661 -3.38 -36.50 -11.61
CA VAL A 661 -3.75 -36.65 -13.03
C VAL A 661 -3.71 -35.33 -13.78
N GLY A 662 -3.81 -34.19 -13.09
CA GLY A 662 -3.75 -32.92 -13.76
C GLY A 662 -4.68 -31.88 -13.15
N LEU A 663 -4.50 -30.62 -13.52
CA LEU A 663 -5.44 -29.59 -13.10
C LEU A 663 -6.72 -29.72 -13.90
N PRO A 664 -7.86 -29.31 -13.33
CA PRO A 664 -9.11 -29.30 -14.08
C PRO A 664 -9.09 -28.21 -15.14
N LYS A 665 -9.35 -28.58 -16.39
CA LYS A 665 -9.12 -27.65 -17.50
C LYS A 665 -10.13 -27.90 -18.60
N THR A 666 -10.50 -26.83 -19.30
CA THR A 666 -11.38 -26.94 -20.44
C THR A 666 -10.58 -27.37 -21.67
N ARG A 667 -11.29 -27.66 -22.76
CA ARG A 667 -10.64 -28.20 -23.95
C ARG A 667 -9.58 -27.24 -24.48
N SER A 668 -9.74 -25.93 -24.26
CA SER A 668 -8.79 -24.94 -24.74
C SER A 668 -7.54 -24.87 -23.88
N GLY A 669 -7.56 -25.44 -22.67
CA GLY A 669 -6.47 -25.34 -21.73
C GLY A 669 -6.75 -24.44 -20.55
N LYS A 670 -7.96 -23.91 -20.43
CA LYS A 670 -8.28 -22.95 -19.37
C LYS A 670 -8.54 -23.69 -18.06
N ILE A 671 -7.76 -23.36 -17.03
CA ILE A 671 -7.99 -23.95 -15.72
C ILE A 671 -9.31 -23.45 -15.16
N VAL A 672 -10.10 -24.37 -14.62
CA VAL A 672 -11.42 -24.05 -14.07
C VAL A 672 -11.24 -23.83 -12.57
N ARG A 673 -11.13 -22.57 -12.17
CA ARG A 673 -10.63 -22.25 -10.84
C ARG A 673 -11.67 -22.45 -9.74
N ARG A 674 -12.96 -22.22 -10.04
CA ARG A 674 -13.99 -22.41 -9.02
C ARG A 674 -13.90 -23.82 -8.42
N ILE A 675 -13.53 -24.79 -9.24
CA ILE A 675 -13.34 -26.15 -8.74
C ILE A 675 -12.29 -26.16 -7.63
N LEU A 676 -11.14 -25.57 -7.91
CA LEU A 676 -10.03 -25.55 -6.95
C LEU A 676 -10.41 -24.75 -5.70
N ARG A 677 -11.15 -23.66 -5.88
CA ARG A 677 -11.57 -22.85 -4.74
C ARG A 677 -12.43 -23.68 -3.78
N LYS A 678 -13.45 -24.36 -4.32
CA LYS A 678 -14.34 -25.13 -3.47
C LYS A 678 -13.59 -26.26 -2.78
N VAL A 679 -12.72 -26.95 -3.50
CA VAL A 679 -11.98 -28.06 -2.90
C VAL A 679 -11.15 -27.56 -1.71
N SER A 680 -10.35 -26.51 -1.92
CA SER A 680 -9.46 -26.05 -0.85
C SER A 680 -10.19 -25.70 0.43
N ALA A 681 -11.51 -25.54 0.37
CA ALA A 681 -12.32 -25.25 1.54
C ALA A 681 -13.03 -26.47 2.11
N GLY A 682 -12.93 -27.62 1.44
CA GLY A 682 -13.65 -28.80 1.86
C GLY A 682 -15.03 -28.95 1.25
N GLN A 683 -15.58 -27.87 0.68
CA GLN A 683 -16.88 -27.91 0.02
C GLN A 683 -16.85 -28.73 -1.26
N TYR A 684 -17.01 -30.05 -1.16
CA TYR A 684 -16.88 -30.93 -2.31
C TYR A 684 -18.17 -31.10 -3.12
N THR A 685 -19.30 -30.60 -2.63
CA THR A 685 -20.59 -30.79 -3.31
C THR A 685 -21.05 -29.55 -4.07
N GLU A 686 -20.39 -28.42 -3.89
CA GLU A 686 -20.84 -27.14 -4.43
C GLU A 686 -19.92 -26.63 -5.54
N LEU A 687 -19.37 -27.55 -6.33
CA LEU A 687 -18.39 -27.18 -7.35
C LEU A 687 -19.03 -26.56 -8.57
N GLY A 688 -20.28 -26.87 -8.86
CA GLY A 688 -20.94 -26.38 -10.06
C GLY A 688 -20.89 -27.40 -11.18
N ASP A 689 -20.49 -26.95 -12.38
CA ASP A 689 -20.49 -27.78 -13.57
C ASP A 689 -19.07 -28.07 -14.02
N THR A 690 -18.87 -29.28 -14.56
CA THR A 690 -17.55 -29.72 -15.02
C THR A 690 -17.59 -30.23 -16.46
N SER A 691 -18.68 -29.98 -17.18
CA SER A 691 -18.84 -30.58 -18.49
C SER A 691 -17.79 -30.10 -19.48
N THR A 692 -17.25 -28.90 -19.28
CA THR A 692 -16.20 -28.42 -20.17
C THR A 692 -14.85 -29.04 -19.84
N LEU A 693 -14.76 -29.86 -18.79
CA LEU A 693 -13.50 -30.47 -18.41
C LEU A 693 -13.08 -31.52 -19.43
N ALA A 694 -11.95 -31.25 -20.10
CA ALA A 694 -11.31 -32.27 -20.93
C ALA A 694 -10.85 -33.47 -20.13
N ASN A 695 -10.80 -33.37 -18.81
CA ASN A 695 -10.25 -34.42 -17.96
C ASN A 695 -11.06 -34.52 -16.67
N PRO A 696 -12.32 -34.92 -16.76
CA PRO A 696 -13.15 -35.04 -15.55
C PRO A 696 -12.61 -36.03 -14.55
N ASP A 697 -11.74 -36.95 -14.97
CA ASP A 697 -11.07 -37.84 -14.04
C ASP A 697 -10.40 -37.09 -12.89
N VAL A 698 -10.06 -35.81 -13.10
CA VAL A 698 -9.27 -35.09 -12.11
C VAL A 698 -10.03 -34.87 -10.81
N VAL A 699 -11.36 -34.68 -10.89
CA VAL A 699 -12.11 -34.19 -9.74
C VAL A 699 -11.94 -35.13 -8.55
N GLU A 700 -12.28 -36.41 -8.70
CA GLU A 700 -12.24 -37.32 -7.56
C GLU A 700 -10.91 -37.25 -6.83
N ASP A 701 -9.81 -37.19 -7.59
CA ASP A 701 -8.48 -37.10 -7.00
C ASP A 701 -8.32 -35.85 -6.14
N LEU A 702 -8.89 -34.73 -6.58
CA LEU A 702 -8.68 -33.47 -5.86
C LEU A 702 -9.35 -33.49 -4.49
N ILE A 703 -10.57 -34.04 -4.39
CA ILE A 703 -11.26 -34.06 -3.10
C ILE A 703 -10.57 -35.04 -2.15
N ALA A 704 -10.27 -36.23 -2.64
CA ALA A 704 -9.61 -37.23 -1.79
C ALA A 704 -8.32 -36.69 -1.21
N GLU A 705 -7.47 -36.08 -2.06
CA GLU A 705 -6.20 -35.56 -1.57
C GLU A 705 -6.41 -34.50 -0.50
N HIS A 706 -7.39 -33.61 -0.69
CA HIS A 706 -7.59 -32.55 0.29
C HIS A 706 -8.03 -33.12 1.63
N GLN A 707 -8.99 -34.05 1.62
CA GLN A 707 -9.42 -34.67 2.88
C GLN A 707 -8.21 -35.19 3.65
N ARG A 708 -7.24 -35.74 2.93
CA ARG A 708 -6.03 -36.27 3.54
C ARG A 708 -5.18 -35.16 4.16
N LEU A 709 -4.76 -34.19 3.34
CA LEU A 709 -3.95 -33.09 3.86
C LEU A 709 -4.69 -32.35 4.98
N CYS A 710 -6.01 -32.23 4.86
CA CYS A 710 -6.80 -31.45 5.80
C CYS A 710 -6.25 -30.03 5.91
N SER A 711 -5.93 -29.46 4.75
CA SER A 711 -5.27 -28.15 4.63
C SER A 711 -4.54 -27.71 5.89
C1 PEG B . -14.99 6.29 25.99
O1 PEG B . -16.09 6.61 25.18
C2 PEG B . -14.22 7.50 26.49
O2 PEG B . -14.14 7.50 27.90
C3 PEG B . -12.97 6.91 28.44
C4 PEG B . -13.31 5.79 29.38
O4 PEG B . -12.35 4.75 29.29
C1' WTA C . -8.56 -4.48 0.78
C1P WTA C . -4.19 -0.90 0.57
C2 WTA C . -11.41 -4.32 4.05
C2' WTA C . -9.60 -4.48 -0.34
C2P WTA C . -4.74 0.37 1.10
C3' WTA C . -8.92 -3.55 -1.34
C4 WTA C . -9.76 -3.58 2.80
C4' WTA C . -7.44 -3.91 -1.19
C5 WTA C . -9.63 -2.44 3.55
C5' WTA C . -6.50 -2.81 -1.60
C6 WTA C . -10.49 -2.28 4.65
C8 WTA C . -8.18 -2.29 2.01
N1 WTA C . -11.39 -3.26 4.87
N3 WTA C . -10.64 -4.58 2.99
N6 WTA C . -10.41 -1.23 5.47
N7 WTA C . -8.62 -1.62 3.05
N9 WTA C . -8.83 -3.47 1.81
O1P WTA C . -2.72 -2.79 -1.27
O2' WTA C . -9.73 -5.79 -0.85
O2P WTA C . -4.12 -1.78 -3.18
O3' WTA C . -9.36 -3.70 -2.69
O3P WTA C . -4.33 -0.89 -0.87
O4' WTA C . -7.29 -4.20 0.22
O5' WTA C . -5.12 -3.23 -1.41
P WTA C . -3.99 -2.19 -1.76
#